data_7AZ8
#
_entry.id   7AZ8
#
_cell.length_a   63.806
_cell.length_b   64.731
_cell.length_c   70.676
_cell.angle_alpha   106.540
_cell.angle_beta   99.870
_cell.angle_gamma   117.250
#
_symmetry.space_group_name_H-M   'P 1'
#
loop_
_entity.id
_entity.type
_entity.pdbx_description
1 polymer 'Beta sliding clamp'
2 polymer 'Peptide 43'
3 non-polymer DI(HYDROXYETHYL)ETHER
4 non-polymer 'PENTAETHYLENE GLYCOL'
5 non-polymer GLYCEROL
6 water water
#
loop_
_entity_poly.entity_id
_entity_poly.type
_entity_poly.pdbx_seq_one_letter_code
_entity_poly.pdbx_strand_id
1 'polypeptide(L)'
;MGSSHHHHHHSSGLVPRGSHMKFTVEREHLLKPLQQVSGPLGGRPTLPILGNLLLQVADGTLSLTGTDLEMEMVARVALV
QPHEPGATTVPARKFFDICRGLPEGAEIAVQLEGERMLVRSGRSRFSLSTLPAADFPNLDDWQSEVEFTLPQATMKRLIE
ATQFSMAHQDVRYYLNGMLFETEGEELRTVATDGHRLAVCSMPIGQSLPSHSVIVPRKGVIELMRMLDGGDNPLRVQIGS
NNIRAHVGDFIFTSKLVDGRFPDYRRVLPKNPDKHLEAGCDLLKQAFARAAILSNEKFRGVRLYVSENQLKITANNPEQE
EAEEILDVTYSGAEMEIGFNVSYVLDVLNALKCENVRMMLTDSVSSVQIEDAASQSAAYVVMPMRL
;
A,B
2 'polypeptide(L)' (TCA)Q(ALC)DLPL H,I
#
# COMPACT_ATOMS: atom_id res chain seq x y z
N GLY A 18 -34.89 10.41 -24.43
CA GLY A 18 -35.56 9.61 -23.39
C GLY A 18 -35.58 10.29 -22.03
N SER A 19 -36.77 10.33 -21.41
CA SER A 19 -36.94 10.96 -20.09
C SER A 19 -36.87 9.98 -18.91
N HIS A 20 -36.98 8.66 -19.18
CA HIS A 20 -37.06 7.65 -18.12
C HIS A 20 -36.04 6.51 -18.29
N MET A 21 -34.73 6.83 -18.21
CA MET A 21 -33.64 5.87 -18.35
C MET A 21 -33.80 4.64 -17.48
N LYS A 22 -33.59 3.45 -18.06
CA LYS A 22 -33.72 2.19 -17.34
C LYS A 22 -32.93 1.12 -18.07
N PHE A 23 -32.18 0.32 -17.30
CA PHE A 23 -31.42 -0.78 -17.85
C PHE A 23 -31.20 -1.88 -16.81
N THR A 24 -30.96 -3.12 -17.27
CA THR A 24 -30.63 -4.25 -16.41
C THR A 24 -29.38 -4.90 -16.98
N VAL A 25 -28.34 -5.06 -16.17
CA VAL A 25 -27.07 -5.62 -16.62
CA VAL A 25 -27.05 -5.63 -16.59
C VAL A 25 -26.49 -6.59 -15.58
N GLU A 26 -25.73 -7.59 -16.03
CA GLU A 26 -25.04 -8.50 -15.13
C GLU A 26 -23.90 -7.70 -14.50
N ARG A 27 -23.69 -7.86 -13.19
CA ARG A 27 -22.61 -7.22 -12.43
C ARG A 27 -21.27 -7.39 -13.14
N GLU A 28 -21.00 -8.62 -13.63
CA GLU A 28 -19.73 -8.95 -14.31
C GLU A 28 -19.48 -8.12 -15.57
N HIS A 29 -20.52 -7.59 -16.20
CA HIS A 29 -20.38 -6.75 -17.39
C HIS A 29 -20.24 -5.27 -17.03
N LEU A 30 -20.52 -4.92 -15.78
CA LEU A 30 -20.48 -3.54 -15.33
C LEU A 30 -19.23 -3.16 -14.54
N LEU A 31 -18.64 -4.10 -13.77
CA LEU A 31 -17.49 -3.84 -12.89
C LEU A 31 -16.24 -3.23 -13.52
N LYS A 32 -15.62 -3.91 -14.51
CA LYS A 32 -14.40 -3.42 -15.18
C LYS A 32 -14.69 -2.08 -15.87
N PRO A 33 -15.80 -1.89 -16.64
CA PRO A 33 -16.08 -0.55 -17.20
C PRO A 33 -16.20 0.53 -16.12
N LEU A 34 -16.88 0.26 -14.97
CA LEU A 34 -17.00 1.25 -13.86
C LEU A 34 -15.66 1.65 -13.27
N GLN A 35 -14.78 0.67 -13.01
CA GLN A 35 -13.44 0.91 -12.48
C GLN A 35 -12.62 1.75 -13.47
N GLN A 36 -12.67 1.39 -14.76
CA GLN A 36 -11.94 2.09 -15.82
C GLN A 36 -12.37 3.56 -16.01
N VAL A 37 -13.68 3.84 -16.15
CA VAL A 37 -14.14 5.22 -16.41
C VAL A 37 -13.92 6.15 -15.23
N SER A 38 -13.73 5.60 -14.06
CA SER A 38 -13.44 6.36 -12.84
C SER A 38 -11.98 6.84 -12.76
N GLY A 39 -11.11 6.29 -13.61
CA GLY A 39 -9.71 6.66 -13.67
C GLY A 39 -9.43 8.16 -13.60
N PRO A 40 -10.03 9.00 -14.51
CA PRO A 40 -9.77 10.47 -14.46
C PRO A 40 -10.23 11.19 -13.19
N LEU A 41 -11.02 10.53 -12.32
CA LEU A 41 -11.59 11.13 -11.11
C LEU A 41 -10.63 11.10 -9.91
N GLY A 42 -10.85 11.99 -8.95
CA GLY A 42 -10.02 12.05 -7.75
C GLY A 42 -10.32 13.19 -6.81
N THR A 46 -13.53 20.00 -7.07
CA THR A 46 -13.79 21.36 -7.56
C THR A 46 -15.29 21.52 -7.98
N LEU A 47 -15.57 21.21 -9.25
CA LEU A 47 -16.90 21.23 -9.83
C LEU A 47 -17.60 19.91 -9.39
N PRO A 48 -18.72 19.98 -8.64
CA PRO A 48 -19.36 18.73 -8.12
C PRO A 48 -19.65 17.60 -9.12
N ILE A 49 -20.08 17.98 -10.32
CA ILE A 49 -20.41 16.98 -11.33
C ILE A 49 -19.19 16.16 -11.75
N LEU A 50 -17.96 16.68 -11.48
CA LEU A 50 -16.74 15.92 -11.84
C LEU A 50 -16.52 14.69 -10.97
N GLY A 51 -17.24 14.62 -9.86
CA GLY A 51 -17.22 13.44 -9.00
C GLY A 51 -18.24 12.39 -9.45
N ASN A 52 -18.99 12.69 -10.55
CA ASN A 52 -20.01 11.81 -11.10
C ASN A 52 -19.63 11.17 -12.43
N LEU A 53 -20.28 10.02 -12.73
CA LEU A 53 -20.17 9.39 -14.04
C LEU A 53 -21.43 9.68 -14.85
N LEU A 54 -21.28 9.90 -16.15
CA LEU A 54 -22.40 10.13 -17.05
C LEU A 54 -22.85 8.75 -17.56
N LEU A 55 -24.15 8.42 -17.40
CA LEU A 55 -24.71 7.16 -17.90
C LEU A 55 -25.67 7.53 -19.01
N GLN A 56 -25.56 6.86 -20.15
CA GLN A 56 -26.42 7.13 -21.31
C GLN A 56 -26.87 5.81 -21.89
N VAL A 57 -28.18 5.65 -22.08
CA VAL A 57 -28.73 4.42 -22.63
C VAL A 57 -29.38 4.74 -23.97
N ALA A 58 -29.02 3.99 -25.02
CA ALA A 58 -29.63 4.15 -26.35
C ALA A 58 -29.33 2.93 -27.21
N ASP A 59 -30.38 2.40 -27.84
CA ASP A 59 -30.38 1.27 -28.79
C ASP A 59 -29.34 0.18 -28.52
N GLY A 60 -29.53 -0.59 -27.43
CA GLY A 60 -28.67 -1.70 -27.06
C GLY A 60 -27.32 -1.35 -26.47
N THR A 61 -27.07 -0.05 -26.15
CA THR A 61 -25.80 0.32 -25.55
C THR A 61 -25.96 1.19 -24.30
N LEU A 62 -25.20 0.85 -23.28
CA LEU A 62 -25.05 1.70 -22.11
C LEU A 62 -23.65 2.33 -22.26
N SER A 63 -23.57 3.66 -22.23
CA SER A 63 -22.28 4.37 -22.24
C SER A 63 -22.05 4.96 -20.85
N LEU A 64 -20.81 4.84 -20.36
CA LEU A 64 -20.37 5.33 -19.06
CA LEU A 64 -20.39 5.36 -19.06
C LEU A 64 -19.21 6.27 -19.32
N THR A 65 -19.27 7.52 -18.82
CA THR A 65 -18.19 8.48 -19.03
C THR A 65 -17.72 9.12 -17.72
N GLY A 66 -16.40 9.24 -17.60
CA GLY A 66 -15.75 9.93 -16.50
C GLY A 66 -14.84 10.98 -17.10
N THR A 67 -14.73 12.15 -16.47
CA THR A 67 -13.89 13.22 -17.01
C THR A 67 -13.29 14.05 -15.91
N ASP A 68 -12.20 14.73 -16.21
CA ASP A 68 -11.60 15.68 -15.28
C ASP A 68 -11.47 17.03 -16.03
N LEU A 69 -12.16 17.18 -17.21
CA LEU A 69 -12.16 18.37 -18.09
C LEU A 69 -11.00 18.39 -19.08
N GLU A 70 -9.89 17.73 -18.76
CA GLU A 70 -8.71 17.64 -19.62
C GLU A 70 -8.78 16.34 -20.44
N MET A 71 -9.30 15.29 -19.84
CA MET A 71 -9.44 13.99 -20.50
C MET A 71 -10.78 13.34 -20.18
N GLU A 72 -11.16 12.35 -20.96
CA GLU A 72 -12.39 11.62 -20.69
C GLU A 72 -12.17 10.16 -21.05
N MET A 73 -12.81 9.30 -20.27
CA MET A 73 -12.76 7.86 -20.49
C MET A 73 -14.22 7.43 -20.69
N VAL A 74 -14.48 6.71 -21.78
CA VAL A 74 -15.82 6.24 -22.14
C VAL A 74 -15.77 4.73 -22.19
N ALA A 75 -16.81 4.06 -21.70
CA ALA A 75 -16.92 2.61 -21.81
C ALA A 75 -18.26 2.32 -22.42
N ARG A 76 -18.30 1.35 -23.34
CA ARG A 76 -19.56 0.94 -23.97
C ARG A 76 -19.91 -0.45 -23.50
N VAL A 77 -21.13 -0.62 -23.02
CA VAL A 77 -21.59 -1.86 -22.48
C VAL A 77 -22.82 -2.28 -23.29
N ALA A 78 -22.77 -3.45 -23.97
CA ALA A 78 -23.92 -3.95 -24.74
C ALA A 78 -25.02 -4.32 -23.75
N LEU A 79 -26.26 -3.91 -24.04
CA LEU A 79 -27.42 -4.19 -23.20
C LEU A 79 -28.21 -5.28 -23.89
N VAL A 80 -28.15 -6.49 -23.33
CA VAL A 80 -28.78 -7.70 -23.88
C VAL A 80 -30.20 -7.89 -23.35
N GLN A 81 -30.59 -7.11 -22.34
CA GLN A 81 -31.91 -7.18 -21.73
C GLN A 81 -32.75 -5.94 -22.08
N PRO A 82 -34.11 -5.96 -22.01
CA PRO A 82 -34.88 -4.75 -22.31
C PRO A 82 -34.42 -3.51 -21.53
N HIS A 83 -34.49 -2.35 -22.17
CA HIS A 83 -34.01 -1.09 -21.60
C HIS A 83 -34.80 0.08 -22.15
N GLU A 84 -34.73 1.24 -21.48
CA GLU A 84 -35.39 2.47 -21.92
C GLU A 84 -34.34 3.56 -22.03
N PRO A 85 -34.37 4.34 -23.13
CA PRO A 85 -33.31 5.34 -23.34
C PRO A 85 -33.37 6.51 -22.38
N GLY A 86 -32.23 7.16 -22.22
CA GLY A 86 -32.15 8.34 -21.38
C GLY A 86 -30.75 8.49 -20.83
N ALA A 87 -30.57 9.48 -19.97
CA ALA A 87 -29.26 9.76 -19.41
C ALA A 87 -29.38 10.42 -18.05
N THR A 88 -28.34 10.23 -17.22
CA THR A 88 -28.21 10.86 -15.92
C THR A 88 -26.75 10.82 -15.49
N THR A 89 -26.44 11.43 -14.35
CA THR A 89 -25.06 11.36 -13.79
C THR A 89 -25.22 10.96 -12.35
N VAL A 90 -24.34 10.07 -11.86
CA VAL A 90 -24.42 9.53 -10.50
C VAL A 90 -23.03 9.55 -9.81
N PRO A 91 -22.95 9.68 -8.46
CA PRO A 91 -21.63 9.63 -7.78
C PRO A 91 -20.87 8.35 -8.15
N ALA A 92 -19.67 8.52 -8.69
CA ALA A 92 -18.88 7.41 -9.21
C ALA A 92 -18.47 6.40 -8.16
N ARG A 93 -17.86 6.87 -7.07
CA ARG A 93 -17.35 5.99 -6.00
C ARG A 93 -18.49 5.20 -5.37
N LYS A 94 -19.60 5.85 -5.03
CA LYS A 94 -20.76 5.15 -4.44
C LYS A 94 -21.35 4.10 -5.40
N PHE A 95 -21.57 4.47 -6.67
CA PHE A 95 -22.13 3.55 -7.66
C PHE A 95 -21.21 2.33 -7.87
N PHE A 96 -19.89 2.58 -8.00
CA PHE A 96 -18.92 1.49 -8.13
C PHE A 96 -18.94 0.57 -6.88
N ASP A 97 -18.85 1.15 -5.68
CA ASP A 97 -18.83 0.38 -4.45
C ASP A 97 -20.09 -0.46 -4.26
N ILE A 98 -21.27 0.05 -4.68
CA ILE A 98 -22.52 -0.72 -4.61
C ILE A 98 -22.44 -1.94 -5.54
N CYS A 99 -22.06 -1.74 -6.81
CA CYS A 99 -21.93 -2.81 -7.78
C CYS A 99 -20.88 -3.85 -7.37
N ARG A 100 -19.71 -3.39 -6.90
CA ARG A 100 -18.64 -4.28 -6.45
C ARG A 100 -19.07 -5.08 -5.21
N GLY A 101 -19.86 -4.45 -4.33
CA GLY A 101 -20.35 -5.06 -3.10
C GLY A 101 -21.40 -6.12 -3.29
N LEU A 102 -22.06 -6.14 -4.47
CA LEU A 102 -23.10 -7.13 -4.77
C LEU A 102 -22.49 -8.52 -5.05
N PRO A 103 -23.25 -9.62 -4.85
CA PRO A 103 -22.64 -10.96 -5.02
C PRO A 103 -22.30 -11.30 -6.47
N GLU A 104 -21.34 -12.22 -6.68
CA GLU A 104 -20.99 -12.70 -8.03
C GLU A 104 -22.24 -13.21 -8.75
N GLY A 105 -22.39 -12.84 -10.01
CA GLY A 105 -23.54 -13.23 -10.80
C GLY A 105 -24.80 -12.39 -10.62
N ALA A 106 -24.75 -11.34 -9.74
CA ALA A 106 -25.92 -10.46 -9.52
C ALA A 106 -26.35 -9.76 -10.79
N GLU A 107 -27.66 -9.58 -10.93
CA GLU A 107 -28.28 -8.82 -12.01
C GLU A 107 -28.54 -7.46 -11.39
N ILE A 108 -28.16 -6.39 -12.05
CA ILE A 108 -28.29 -5.03 -11.51
C ILE A 108 -29.28 -4.27 -12.36
N ALA A 109 -30.42 -3.89 -11.75
CA ALA A 109 -31.50 -3.14 -12.39
C ALA A 109 -31.39 -1.68 -11.98
N VAL A 110 -31.26 -0.79 -12.96
CA VAL A 110 -31.07 0.63 -12.72
C VAL A 110 -32.16 1.44 -13.38
N GLN A 111 -32.68 2.47 -12.67
CA GLN A 111 -33.64 3.36 -13.27
C GLN A 111 -33.69 4.70 -12.60
N LEU A 112 -33.91 5.71 -13.39
CA LEU A 112 -34.08 7.05 -12.92
C LEU A 112 -35.52 7.16 -12.37
N GLU A 113 -35.69 7.77 -11.20
CA GLU A 113 -37.00 7.99 -10.57
C GLU A 113 -36.96 9.43 -10.08
N GLY A 114 -37.54 10.34 -10.88
CA GLY A 114 -37.47 11.76 -10.56
C GLY A 114 -36.01 12.21 -10.65
N GLU A 115 -35.45 12.75 -9.56
CA GLU A 115 -34.06 13.20 -9.50
C GLU A 115 -33.15 12.18 -8.78
N ARG A 116 -33.63 10.95 -8.57
CA ARG A 116 -32.85 9.90 -7.91
C ARG A 116 -32.57 8.78 -8.88
N MET A 117 -31.40 8.12 -8.74
CA MET A 117 -31.14 6.94 -9.54
C MET A 117 -31.24 5.75 -8.62
N LEU A 118 -32.13 4.82 -8.95
CA LEU A 118 -32.35 3.61 -8.17
C LEU A 118 -31.51 2.47 -8.72
N VAL A 119 -30.92 1.71 -7.82
CA VAL A 119 -30.10 0.55 -8.13
C VAL A 119 -30.70 -0.60 -7.33
N ARG A 120 -31.15 -1.66 -8.03
CA ARG A 120 -31.80 -2.79 -7.37
C ARG A 120 -31.18 -4.10 -7.81
N SER A 121 -30.96 -5.02 -6.85
CA SER A 121 -30.46 -6.35 -7.12
C SER A 121 -30.92 -7.25 -5.97
N GLY A 122 -31.57 -8.39 -6.27
CA GLY A 122 -32.12 -9.26 -5.22
C GLY A 122 -33.07 -8.44 -4.36
N ARG A 123 -32.80 -8.43 -3.05
N ARG A 123 -32.86 -8.39 -3.04
CA ARG A 123 -33.57 -7.61 -2.12
CA ARG A 123 -33.68 -7.51 -2.19
C ARG A 123 -32.64 -6.51 -1.54
C ARG A 123 -32.84 -6.34 -1.63
N SER A 124 -31.87 -5.86 -2.43
CA SER A 124 -30.97 -4.76 -2.09
C SER A 124 -31.47 -3.58 -2.90
N ARG A 125 -31.67 -2.41 -2.29
CA ARG A 125 -32.20 -1.22 -2.97
C ARG A 125 -31.34 -0.03 -2.58
N PHE A 126 -30.88 0.73 -3.59
CA PHE A 126 -30.06 1.93 -3.32
C PHE A 126 -30.61 3.08 -4.09
N SER A 127 -30.84 4.22 -3.42
CA SER A 127 -31.33 5.44 -4.04
C SER A 127 -30.20 6.45 -3.98
N LEU A 128 -29.67 6.83 -5.16
CA LEU A 128 -28.55 7.75 -5.27
C LEU A 128 -28.95 9.11 -5.79
N SER A 129 -28.24 10.16 -5.34
CA SER A 129 -28.46 11.52 -5.81
CA SER A 129 -28.47 11.52 -5.82
C SER A 129 -27.95 11.59 -7.26
N THR A 130 -28.45 12.53 -8.05
CA THR A 130 -28.00 12.70 -9.43
C THR A 130 -27.73 14.16 -9.71
N LEU A 131 -27.07 14.43 -10.84
CA LEU A 131 -26.88 15.77 -11.39
C LEU A 131 -27.25 15.61 -12.85
N PRO A 132 -27.86 16.63 -13.50
CA PRO A 132 -28.36 16.43 -14.87
C PRO A 132 -27.30 16.10 -15.89
N ALA A 133 -27.64 15.18 -16.80
CA ALA A 133 -26.82 14.70 -17.92
C ALA A 133 -26.49 15.85 -18.85
N ALA A 134 -27.48 16.77 -19.03
CA ALA A 134 -27.37 17.99 -19.83
C ALA A 134 -26.22 18.83 -19.30
N ASP A 135 -25.92 18.74 -17.97
CA ASP A 135 -24.82 19.49 -17.37
C ASP A 135 -23.45 18.82 -17.45
N PHE A 136 -23.38 17.57 -17.91
CA PHE A 136 -22.07 16.89 -17.96
C PHE A 136 -21.11 17.50 -19.01
N PRO A 137 -19.86 17.80 -18.61
CA PRO A 137 -18.90 18.40 -19.57
C PRO A 137 -18.62 17.52 -20.76
N ASN A 138 -18.46 18.16 -21.92
CA ASN A 138 -18.19 17.48 -23.18
C ASN A 138 -16.96 18.13 -23.83
N LEU A 139 -16.02 17.32 -24.33
CA LEU A 139 -14.89 17.86 -25.07
C LEU A 139 -15.42 18.25 -26.48
N ASP A 140 -14.90 19.36 -27.05
CA ASP A 140 -15.29 19.86 -28.38
C ASP A 140 -15.02 18.86 -29.50
N ASP A 141 -15.77 18.99 -30.62
CA ASP A 141 -15.61 18.14 -31.82
C ASP A 141 -14.23 18.40 -32.42
N TRP A 142 -13.68 17.37 -33.09
CA TRP A 142 -12.37 17.47 -33.72
C TRP A 142 -12.19 16.46 -34.83
N GLN A 143 -11.19 16.70 -35.67
CA GLN A 143 -10.86 15.84 -36.79
C GLN A 143 -9.51 15.21 -36.56
N SER A 144 -9.38 13.90 -36.86
CA SER A 144 -8.08 13.27 -36.73
C SER A 144 -7.27 13.56 -37.98
N GLU A 145 -5.98 13.79 -37.80
CA GLU A 145 -5.01 14.04 -38.85
C GLU A 145 -4.22 12.78 -39.15
N VAL A 146 -4.07 11.90 -38.14
CA VAL A 146 -3.37 10.62 -38.25
C VAL A 146 -4.09 9.53 -37.45
N GLU A 147 -4.09 8.32 -38.00
CA GLU A 147 -4.69 7.15 -37.39
C GLU A 147 -3.76 5.96 -37.63
N PHE A 148 -3.56 5.14 -36.59
CA PHE A 148 -2.76 3.92 -36.72
C PHE A 148 -3.15 2.93 -35.64
N THR A 149 -2.79 1.67 -35.84
CA THR A 149 -3.07 0.63 -34.86
C THR A 149 -1.80 -0.03 -34.44
N LEU A 150 -1.78 -0.49 -33.21
CA LEU A 150 -0.62 -1.18 -32.69
C LEU A 150 -1.01 -2.07 -31.53
N PRO A 151 -0.19 -3.08 -31.18
CA PRO A 151 -0.52 -3.92 -30.03
C PRO A 151 -0.49 -3.10 -28.74
N GLN A 152 -1.37 -3.43 -27.79
CA GLN A 152 -1.40 -2.78 -26.46
C GLN A 152 -0.03 -2.91 -25.80
N ALA A 153 0.63 -4.09 -25.94
CA ALA A 153 1.94 -4.39 -25.36
C ALA A 153 3.00 -3.39 -25.85
N THR A 154 2.95 -3.02 -27.14
CA THR A 154 3.84 -2.02 -27.72
C THR A 154 3.62 -0.63 -27.09
N MET A 155 2.34 -0.20 -26.98
CA MET A 155 2.06 1.12 -26.36
C MET A 155 2.50 1.11 -24.90
N LYS A 156 2.23 0.00 -24.18
CA LYS A 156 2.64 -0.15 -22.78
C LYS A 156 4.18 -0.02 -22.64
N ARG A 157 4.96 -0.72 -23.52
CA ARG A 157 6.43 -0.67 -23.52
C ARG A 157 6.94 0.78 -23.75
N LEU A 158 6.39 1.49 -24.75
CA LEU A 158 6.78 2.87 -24.99
C LEU A 158 6.57 3.79 -23.78
N ILE A 159 5.38 3.69 -23.16
CA ILE A 159 5.04 4.53 -22.02
C ILE A 159 5.89 4.16 -20.81
N GLU A 160 5.94 2.87 -20.49
CA GLU A 160 6.72 2.43 -19.32
C GLU A 160 8.21 2.75 -19.44
N ALA A 161 8.74 2.78 -20.66
CA ALA A 161 10.16 3.02 -20.86
C ALA A 161 10.54 4.47 -20.53
N THR A 162 9.56 5.39 -20.56
CA THR A 162 9.88 6.82 -20.43
C THR A 162 9.10 7.60 -19.41
N GLN A 163 7.92 7.11 -18.97
CA GLN A 163 7.04 7.90 -18.09
C GLN A 163 7.70 8.45 -16.82
N PHE A 164 8.62 7.68 -16.18
CA PHE A 164 9.31 8.14 -14.95
C PHE A 164 10.11 9.47 -15.15
N SER A 165 10.49 9.81 -16.40
CA SER A 165 11.28 11.00 -16.69
C SER A 165 10.44 12.26 -16.95
N MET A 166 9.08 12.17 -16.93
CA MET A 166 8.24 13.36 -17.13
C MET A 166 8.41 14.27 -15.93
N ALA A 167 8.26 15.59 -16.14
CA ALA A 167 8.25 16.54 -15.03
C ALA A 167 6.87 16.46 -14.35
N HIS A 168 6.76 16.98 -13.11
CA HIS A 168 5.50 16.93 -12.38
C HIS A 168 4.76 18.27 -12.40
N GLN A 169 5.42 19.32 -11.92
CA GLN A 169 4.82 20.67 -11.86
C GLN A 169 5.80 21.74 -12.34
N ASP A 170 6.55 21.44 -13.39
CA ASP A 170 7.51 22.38 -13.95
C ASP A 170 6.77 23.59 -14.57
N VAL A 171 7.39 24.78 -14.53
CA VAL A 171 6.81 26.01 -15.15
C VAL A 171 6.81 25.85 -16.66
N ARG A 172 7.78 25.06 -17.18
CA ARG A 172 7.81 24.72 -18.60
C ARG A 172 6.75 23.61 -18.70
N TYR A 173 5.49 24.03 -18.71
CA TYR A 173 4.30 23.16 -18.65
C TYR A 173 4.31 22.02 -19.70
N TYR A 174 4.98 22.21 -20.86
CA TYR A 174 5.13 21.20 -21.91
C TYR A 174 5.97 19.98 -21.45
N LEU A 175 6.70 20.10 -20.31
CA LEU A 175 7.49 19.01 -19.71
C LEU A 175 6.67 18.12 -18.78
N ASN A 176 5.48 18.62 -18.35
CA ASN A 176 4.55 17.87 -17.46
C ASN A 176 3.67 16.97 -18.33
N GLY A 177 4.32 16.18 -19.12
CA GLY A 177 3.65 15.33 -20.09
C GLY A 177 4.68 14.55 -20.88
N MET A 178 4.21 13.91 -21.94
CA MET A 178 5.04 13.04 -22.74
C MET A 178 4.81 13.34 -24.20
N LEU A 179 5.92 13.41 -24.94
CA LEU A 179 5.85 13.59 -26.38
C LEU A 179 5.56 12.25 -27.03
N PHE A 180 4.58 12.24 -27.95
CA PHE A 180 4.25 11.08 -28.78
C PHE A 180 4.56 11.56 -30.20
N GLU A 181 5.43 10.82 -30.88
CA GLU A 181 5.91 11.21 -32.19
CA GLU A 181 5.88 11.21 -32.21
C GLU A 181 5.85 10.08 -33.19
N THR A 182 5.29 10.34 -34.41
CA THR A 182 5.26 9.35 -35.47
C THR A 182 6.33 9.83 -36.46
N GLU A 183 7.19 8.91 -36.90
CA GLU A 183 8.28 9.20 -37.85
C GLU A 183 8.58 7.94 -38.63
N GLY A 184 8.37 7.99 -39.95
CA GLY A 184 8.61 6.85 -40.83
C GLY A 184 7.65 5.73 -40.49
N GLU A 185 8.17 4.61 -40.01
CA GLU A 185 7.33 3.47 -39.59
C GLU A 185 7.34 3.32 -38.07
N GLU A 186 7.81 4.35 -37.35
CA GLU A 186 7.96 4.28 -35.90
C GLU A 186 7.07 5.19 -35.08
N LEU A 187 6.76 4.74 -33.84
CA LEU A 187 6.09 5.56 -32.85
C LEU A 187 7.15 5.72 -31.75
N ARG A 188 7.32 6.93 -31.29
CA ARG A 188 8.33 7.27 -30.30
C ARG A 188 7.73 8.07 -29.15
N THR A 189 8.24 7.81 -27.94
CA THR A 189 7.89 8.61 -26.77
C THR A 189 9.14 9.26 -26.23
N VAL A 190 9.00 10.49 -25.73
CA VAL A 190 10.09 11.27 -25.13
C VAL A 190 9.55 11.90 -23.86
N ALA A 191 10.33 11.84 -22.77
CA ALA A 191 9.96 12.51 -21.53
C ALA A 191 11.20 13.06 -20.89
N THR A 192 11.10 14.30 -20.37
CA THR A 192 12.22 14.97 -19.70
C THR A 192 11.73 15.95 -18.66
N ASP A 193 12.51 16.11 -17.58
CA ASP A 193 12.17 17.07 -16.53
C ASP A 193 13.26 18.13 -16.40
N GLY A 194 14.14 18.21 -17.37
CA GLY A 194 15.23 19.18 -17.31
C GLY A 194 16.50 18.68 -16.64
N HIS A 195 16.45 17.54 -15.96
CA HIS A 195 17.62 16.92 -15.31
C HIS A 195 17.94 15.61 -16.00
N ARG A 196 16.90 14.89 -16.42
CA ARG A 196 17.09 13.62 -17.12
C ARG A 196 16.07 13.51 -18.23
N LEU A 197 16.35 12.63 -19.19
CA LEU A 197 15.50 12.42 -20.36
C LEU A 197 15.48 10.91 -20.70
N ALA A 198 14.32 10.45 -21.17
CA ALA A 198 14.09 9.08 -21.64
C ALA A 198 13.46 9.16 -23.03
N VAL A 199 13.92 8.32 -23.95
CA VAL A 199 13.39 8.23 -25.33
C VAL A 199 13.29 6.76 -25.70
N CYS A 200 12.15 6.37 -26.26
CA CYS A 200 11.94 4.99 -26.71
C CYS A 200 11.22 5.03 -28.05
N SER A 201 11.59 4.17 -28.97
CA SER A 201 10.88 4.08 -30.25
C SER A 201 10.61 2.64 -30.63
N MET A 202 9.47 2.40 -31.24
CA MET A 202 9.09 1.05 -31.66
C MET A 202 8.54 1.05 -33.08
N PRO A 203 8.82 0.00 -33.88
CA PRO A 203 8.20 -0.08 -35.22
C PRO A 203 6.69 -0.36 -35.14
N ILE A 204 5.93 0.25 -36.05
CA ILE A 204 4.48 0.14 -36.20
C ILE A 204 4.11 -0.72 -37.45
N GLY A 205 5.05 -0.86 -38.40
CA GLY A 205 4.82 -1.61 -39.64
C GLY A 205 3.84 -0.94 -40.59
N GLN A 206 3.59 0.37 -40.40
CA GLN A 206 2.73 1.22 -41.23
C GLN A 206 3.56 2.46 -41.50
N SER A 207 3.54 2.97 -42.74
CA SER A 207 4.23 4.21 -43.07
C SER A 207 3.32 5.30 -42.51
N LEU A 208 3.88 6.17 -41.68
CA LEU A 208 3.11 7.21 -40.99
C LEU A 208 3.55 8.61 -41.40
N PRO A 209 2.63 9.59 -41.35
CA PRO A 209 3.05 10.97 -41.52
C PRO A 209 3.82 11.42 -40.26
N SER A 210 4.53 12.53 -40.34
CA SER A 210 5.30 13.07 -39.22
C SER A 210 4.44 13.96 -38.37
N HIS A 211 4.30 13.56 -37.08
CA HIS A 211 3.51 14.31 -36.11
CA HIS A 211 3.48 14.28 -36.11
C HIS A 211 4.14 14.20 -34.75
N SER A 212 4.03 15.27 -33.96
CA SER A 212 4.59 15.34 -32.61
CA SER A 212 4.62 15.38 -32.63
C SER A 212 3.58 16.07 -31.75
N VAL A 213 3.11 15.38 -30.70
CA VAL A 213 2.11 15.94 -29.80
C VAL A 213 2.53 15.64 -28.38
N ILE A 214 2.14 16.51 -27.43
CA ILE A 214 2.42 16.34 -26.02
C ILE A 214 1.13 15.91 -25.32
N VAL A 215 1.16 14.75 -24.68
CA VAL A 215 0.03 14.24 -23.91
C VAL A 215 0.23 14.65 -22.44
N PRO A 216 -0.78 15.27 -21.75
CA PRO A 216 -0.60 15.65 -20.33
C PRO A 216 -0.26 14.44 -19.49
N ARG A 217 0.56 14.63 -18.44
CA ARG A 217 1.00 13.50 -17.60
C ARG A 217 -0.13 12.68 -17.03
N LYS A 218 -1.21 13.33 -16.61
CA LYS A 218 -2.37 12.63 -16.07
C LYS A 218 -2.99 11.71 -17.11
N GLY A 219 -3.05 12.19 -18.36
CA GLY A 219 -3.55 11.42 -19.50
C GLY A 219 -2.65 10.23 -19.84
N VAL A 220 -1.32 10.42 -19.77
CA VAL A 220 -0.36 9.35 -20.03
C VAL A 220 -0.60 8.20 -19.03
N ILE A 221 -0.75 8.56 -17.76
CA ILE A 221 -0.93 7.58 -16.68
C ILE A 221 -2.24 6.82 -16.87
N GLU A 222 -3.31 7.52 -17.25
CA GLU A 222 -4.60 6.85 -17.49
C GLU A 222 -4.59 5.96 -18.72
N LEU A 223 -3.90 6.40 -19.79
CA LEU A 223 -3.74 5.61 -20.99
C LEU A 223 -2.99 4.30 -20.63
N MET A 224 -1.94 4.44 -19.81
CA MET A 224 -1.12 3.32 -19.38
CA MET A 224 -1.11 3.35 -19.35
C MET A 224 -1.95 2.32 -18.57
N ARG A 225 -2.80 2.81 -17.66
CA ARG A 225 -3.67 1.97 -16.82
C ARG A 225 -4.80 1.28 -17.63
N MET A 226 -5.16 1.83 -18.80
CA MET A 226 -6.18 1.28 -19.69
C MET A 226 -5.63 0.06 -20.49
N LEU A 227 -4.30 -0.08 -20.64
CA LEU A 227 -3.72 -1.13 -21.45
C LEU A 227 -3.66 -2.43 -20.65
N ASP A 228 -4.78 -3.19 -20.69
CA ASP A 228 -5.04 -4.43 -19.94
C ASP A 228 -4.15 -5.64 -20.32
N GLY A 229 -3.04 -5.41 -21.02
CA GLY A 229 -2.11 -6.45 -21.42
C GLY A 229 -2.58 -7.30 -22.59
N GLY A 230 -3.87 -7.61 -22.58
CA GLY A 230 -4.60 -8.44 -23.55
C GLY A 230 -4.35 -8.16 -25.01
N ASP A 231 -4.81 -9.08 -25.87
CA ASP A 231 -4.61 -9.04 -27.32
C ASP A 231 -5.47 -8.05 -28.10
N ASN A 232 -6.48 -7.37 -27.47
CA ASN A 232 -7.27 -6.37 -28.19
C ASN A 232 -6.30 -5.30 -28.71
N PRO A 233 -6.20 -5.02 -30.03
CA PRO A 233 -5.25 -3.98 -30.47
C PRO A 233 -5.69 -2.59 -30.08
N LEU A 234 -4.75 -1.66 -30.10
CA LEU A 234 -5.05 -0.29 -29.75
C LEU A 234 -5.12 0.53 -31.04
N ARG A 235 -6.21 1.28 -31.22
CA ARG A 235 -6.35 2.18 -32.36
C ARG A 235 -6.14 3.62 -31.83
N VAL A 236 -5.18 4.34 -32.41
CA VAL A 236 -4.84 5.71 -32.01
C VAL A 236 -5.22 6.71 -33.09
N GLN A 237 -5.88 7.81 -32.69
CA GLN A 237 -6.25 8.92 -33.57
C GLN A 237 -5.68 10.19 -32.96
N ILE A 238 -4.94 10.97 -33.75
CA ILE A 238 -4.33 12.22 -33.29
C ILE A 238 -4.83 13.39 -34.12
N GLY A 239 -5.27 14.43 -33.44
CA GLY A 239 -5.70 15.68 -34.05
C GLY A 239 -4.68 16.77 -33.74
N SER A 240 -4.99 18.01 -34.07
CA SER A 240 -4.09 19.12 -33.75
C SER A 240 -4.08 19.42 -32.25
N ASN A 241 -5.24 19.24 -31.57
CA ASN A 241 -5.38 19.57 -30.14
C ASN A 241 -5.89 18.43 -29.25
N ASN A 242 -6.02 17.21 -29.80
CA ASN A 242 -6.54 16.05 -29.05
C ASN A 242 -5.89 14.77 -29.51
N ILE A 243 -5.93 13.76 -28.62
CA ILE A 243 -5.51 12.39 -28.90
C ILE A 243 -6.62 11.48 -28.41
N ARG A 244 -6.84 10.37 -29.13
CA ARG A 244 -7.85 9.40 -28.79
C ARG A 244 -7.30 8.00 -28.95
N ALA A 245 -7.59 7.13 -27.98
CA ALA A 245 -7.15 5.74 -28.01
C ALA A 245 -8.38 4.87 -27.82
N HIS A 246 -8.57 3.86 -28.70
CA HIS A 246 -9.70 2.92 -28.63
C HIS A 246 -9.10 1.58 -28.29
N VAL A 247 -9.53 0.97 -27.19
CA VAL A 247 -9.06 -0.35 -26.76
C VAL A 247 -10.32 -1.10 -26.33
N GLY A 248 -10.64 -2.21 -27.01
CA GLY A 248 -11.84 -2.99 -26.72
C GLY A 248 -13.08 -2.11 -26.73
N ASP A 249 -13.81 -2.10 -25.61
CA ASP A 249 -15.02 -1.28 -25.48
C ASP A 249 -14.77 0.08 -24.79
N PHE A 250 -13.50 0.50 -24.71
CA PHE A 250 -13.11 1.75 -24.08
C PHE A 250 -12.57 2.77 -25.08
N ILE A 251 -12.87 4.04 -24.83
CA ILE A 251 -12.37 5.14 -25.63
C ILE A 251 -11.83 6.20 -24.67
N PHE A 252 -10.51 6.43 -24.72
CA PHE A 252 -9.82 7.47 -23.93
C PHE A 252 -9.61 8.67 -24.86
N THR A 253 -9.96 9.89 -24.41
CA THR A 253 -9.68 11.08 -25.21
C THR A 253 -9.00 12.08 -24.29
N SER A 254 -7.99 12.78 -24.80
CA SER A 254 -7.37 13.83 -24.00
C SER A 254 -7.06 15.03 -24.85
N LYS A 255 -7.08 16.21 -24.23
CA LYS A 255 -6.60 17.43 -24.85
C LYS A 255 -5.07 17.27 -24.86
N LEU A 256 -4.41 17.96 -25.79
CA LEU A 256 -2.95 17.93 -25.88
C LEU A 256 -2.37 19.15 -25.18
N VAL A 257 -1.08 19.11 -24.84
CA VAL A 257 -0.42 20.25 -24.18
C VAL A 257 0.09 21.15 -25.31
N ASP A 258 -0.39 22.40 -25.32
CA ASP A 258 -0.05 23.32 -26.38
C ASP A 258 1.23 24.06 -26.06
N GLY A 259 2.36 23.48 -26.45
CA GLY A 259 3.70 24.03 -26.28
C GLY A 259 4.73 23.42 -27.22
N ARG A 260 5.99 23.86 -27.14
CA ARG A 260 7.05 23.33 -28.00
C ARG A 260 7.96 22.39 -27.19
N PHE A 261 7.93 21.08 -27.46
CA PHE A 261 8.73 20.11 -26.70
C PHE A 261 10.21 20.15 -27.15
N PRO A 262 11.20 19.91 -26.26
CA PRO A 262 12.60 19.88 -26.73
C PRO A 262 12.88 18.75 -27.72
N ASP A 263 13.95 18.88 -28.49
CA ASP A 263 14.34 17.89 -29.47
C ASP A 263 15.36 16.94 -28.84
N TYR A 264 14.98 15.66 -28.58
CA TYR A 264 15.89 14.67 -27.97
C TYR A 264 17.17 14.51 -28.80
N ARG A 265 17.10 14.65 -30.15
CA ARG A 265 18.25 14.50 -31.06
C ARG A 265 19.38 15.45 -30.69
N ARG A 266 19.04 16.63 -30.14
CA ARG A 266 19.99 17.64 -29.73
C ARG A 266 20.40 17.52 -28.27
N VAL A 267 19.66 16.71 -27.50
CA VAL A 267 19.93 16.44 -26.07
C VAL A 267 20.91 15.25 -25.89
N LEU A 268 20.91 14.29 -26.83
CA LEU A 268 21.82 13.15 -26.74
C LEU A 268 23.28 13.61 -26.77
N PRO A 269 24.14 13.10 -25.88
CA PRO A 269 25.56 13.53 -25.90
C PRO A 269 26.24 13.28 -27.25
N LYS A 270 26.93 14.29 -27.75
CA LYS A 270 27.65 14.20 -29.02
C LYS A 270 28.99 13.52 -28.77
N ASN A 271 29.26 12.44 -29.51
CA ASN A 271 30.52 11.71 -29.50
C ASN A 271 31.05 11.32 -28.12
N PRO A 272 30.26 10.62 -27.30
CA PRO A 272 30.80 10.14 -26.02
C PRO A 272 32.04 9.28 -26.27
N ASP A 273 33.19 9.69 -25.73
CA ASP A 273 34.46 8.98 -25.97
C ASP A 273 34.80 7.90 -24.93
N LYS A 274 33.90 7.67 -23.94
CA LYS A 274 34.20 6.72 -22.87
C LYS A 274 33.01 5.78 -22.69
N HIS A 275 33.17 4.50 -23.03
CA HIS A 275 32.11 3.49 -22.98
C HIS A 275 32.35 2.47 -21.89
N LEU A 276 31.41 2.38 -20.94
CA LEU A 276 31.47 1.45 -19.82
C LEU A 276 30.34 0.45 -20.01
N GLU A 277 30.63 -0.83 -19.83
CA GLU A 277 29.61 -1.87 -19.90
C GLU A 277 29.67 -2.73 -18.67
N ALA A 278 28.50 -3.07 -18.12
CA ALA A 278 28.41 -3.86 -16.88
C ALA A 278 27.04 -4.50 -16.76
N GLY A 279 26.91 -5.47 -15.86
CA GLY A 279 25.64 -6.14 -15.61
C GLY A 279 24.65 -5.14 -15.04
N CYS A 280 23.42 -5.17 -15.55
CA CYS A 280 22.37 -4.25 -15.11
C CYS A 280 22.04 -4.46 -13.63
N ASP A 281 21.80 -5.71 -13.21
CA ASP A 281 21.47 -6.03 -11.82
C ASP A 281 22.60 -5.67 -10.86
N LEU A 282 23.85 -6.03 -11.21
CA LEU A 282 24.98 -5.73 -10.33
C LEU A 282 25.16 -4.21 -10.18
N LEU A 283 25.02 -3.47 -11.27
CA LEU A 283 25.14 -2.00 -11.22
C LEU A 283 24.00 -1.44 -10.36
N LYS A 284 22.77 -1.93 -10.56
CA LYS A 284 21.57 -1.46 -9.82
C LYS A 284 21.73 -1.71 -8.31
N GLN A 285 22.19 -2.90 -7.95
CA GLN A 285 22.32 -3.25 -6.53
C GLN A 285 23.42 -2.43 -5.88
N ALA A 286 24.52 -2.14 -6.62
CA ALA A 286 25.64 -1.36 -6.08
C ALA A 286 25.15 0.08 -5.86
N PHE A 287 24.44 0.67 -6.84
CA PHE A 287 23.87 2.02 -6.64
C PHE A 287 22.84 2.06 -5.52
N ALA A 288 22.01 0.99 -5.40
CA ALA A 288 20.96 0.95 -4.37
C ALA A 288 21.58 0.92 -2.96
N ARG A 289 22.67 0.16 -2.77
CA ARG A 289 23.35 0.12 -1.46
C ARG A 289 24.06 1.45 -1.18
N ALA A 290 24.76 2.03 -2.18
CA ALA A 290 25.47 3.31 -1.98
C ALA A 290 24.49 4.44 -1.59
N ALA A 291 23.26 4.40 -2.20
CA ALA A 291 22.20 5.38 -1.96
C ALA A 291 21.83 5.49 -0.47
N ILE A 292 21.95 4.39 0.28
CA ILE A 292 21.61 4.38 1.71
C ILE A 292 22.34 5.47 2.50
N LEU A 293 23.61 5.70 2.13
CA LEU A 293 24.46 6.67 2.84
C LEU A 293 24.66 7.96 2.05
N SER A 294 23.77 8.23 1.06
CA SER A 294 23.80 9.49 0.33
C SER A 294 23.02 10.54 1.10
N ASN A 295 23.29 11.80 0.80
CA ASN A 295 22.57 12.93 1.39
C ASN A 295 21.06 12.75 1.07
N GLU A 296 20.20 12.81 2.09
CA GLU A 296 18.75 12.58 1.94
C GLU A 296 18.06 13.57 1.01
N LYS A 297 18.59 14.80 0.96
CA LYS A 297 18.04 15.84 0.11
C LYS A 297 18.65 15.82 -1.30
N PHE A 298 20.01 15.88 -1.40
CA PHE A 298 20.72 15.99 -2.66
C PHE A 298 20.97 14.67 -3.39
N ARG A 299 21.01 13.57 -2.65
CA ARG A 299 21.14 12.21 -3.20
C ARG A 299 22.37 11.97 -4.10
N GLY A 300 23.41 12.73 -3.86
CA GLY A 300 24.61 12.63 -4.69
C GLY A 300 25.47 11.41 -4.46
N VAL A 301 25.93 10.80 -5.57
CA VAL A 301 26.91 9.72 -5.58
C VAL A 301 28.03 10.11 -6.51
N ARG A 302 29.21 9.63 -6.21
CA ARG A 302 30.39 9.93 -7.01
C ARG A 302 30.80 8.64 -7.73
N LEU A 303 31.06 8.73 -9.04
CA LEU A 303 31.52 7.57 -9.81
C LEU A 303 32.97 7.83 -10.22
N TYR A 304 33.84 6.86 -10.01
CA TYR A 304 35.23 6.96 -10.49
C TYR A 304 35.44 5.80 -11.44
N VAL A 305 35.67 6.13 -12.73
CA VAL A 305 35.90 5.11 -13.75
C VAL A 305 37.40 5.03 -14.06
N SER A 306 37.91 3.80 -14.10
CA SER A 306 39.30 3.50 -14.39
C SER A 306 39.33 2.17 -15.13
N GLU A 307 40.52 1.73 -15.62
CA GLU A 307 40.60 0.50 -16.42
C GLU A 307 39.82 -0.65 -15.79
N ASN A 308 38.78 -1.10 -16.51
CA ASN A 308 37.89 -2.21 -16.12
C ASN A 308 37.35 -2.12 -14.68
N GLN A 309 37.12 -0.90 -14.19
CA GLN A 309 36.63 -0.74 -12.83
C GLN A 309 35.74 0.46 -12.67
N LEU A 310 34.70 0.31 -11.84
CA LEU A 310 33.83 1.42 -11.43
C LEU A 310 33.82 1.43 -9.88
N LYS A 311 34.07 2.60 -9.30
CA LYS A 311 33.97 2.81 -7.87
C LYS A 311 32.83 3.82 -7.64
N ILE A 312 31.89 3.46 -6.77
CA ILE A 312 30.76 4.35 -6.44
C ILE A 312 30.92 4.71 -5.00
N THR A 313 30.90 6.02 -4.68
CA THR A 313 31.03 6.50 -3.31
CA THR A 313 30.99 6.45 -3.30
C THR A 313 29.85 7.42 -2.97
N ALA A 314 29.38 7.35 -1.74
CA ALA A 314 28.32 8.21 -1.22
C ALA A 314 28.65 8.60 0.20
N ASN A 315 28.40 9.86 0.53
CA ASN A 315 28.53 10.30 1.91
C ASN A 315 27.40 11.26 2.27
N ASN A 316 27.12 11.39 3.55
CA ASN A 316 26.01 12.22 4.00
C ASN A 316 26.53 13.25 5.03
N PRO A 317 25.68 14.17 5.53
CA PRO A 317 26.18 15.20 6.49
C PRO A 317 26.74 14.62 7.82
N GLU A 318 26.32 13.41 8.22
CA GLU A 318 26.85 12.72 9.43
C GLU A 318 28.23 12.11 9.17
N GLN A 319 28.73 12.27 7.94
CA GLN A 319 30.04 11.80 7.49
C GLN A 319 30.09 10.26 7.42
N GLU A 320 28.90 9.63 7.28
CA GLU A 320 28.82 8.18 7.03
C GLU A 320 29.22 8.00 5.57
N GLU A 321 29.79 6.85 5.21
CA GLU A 321 30.24 6.67 3.83
C GLU A 321 29.97 5.27 3.31
N ALA A 322 29.53 5.17 2.05
CA ALA A 322 29.35 3.90 1.36
C ALA A 322 30.33 3.86 0.19
N GLU A 323 30.95 2.70 -0.05
CA GLU A 323 31.84 2.54 -1.19
C GLU A 323 31.59 1.18 -1.85
N GLU A 324 31.41 1.17 -3.17
CA GLU A 324 31.19 -0.04 -3.94
C GLU A 324 32.23 -0.07 -5.03
N ILE A 325 32.89 -1.20 -5.21
CA ILE A 325 33.85 -1.40 -6.30
C ILE A 325 33.29 -2.53 -7.14
N LEU A 326 33.18 -2.30 -8.46
CA LEU A 326 32.66 -3.28 -9.43
C LEU A 326 33.65 -3.50 -10.55
N ASP A 327 33.77 -4.74 -11.03
CA ASP A 327 34.55 -5.04 -12.22
C ASP A 327 33.59 -4.72 -13.36
N VAL A 328 34.05 -3.96 -14.33
CA VAL A 328 33.25 -3.56 -15.49
C VAL A 328 34.15 -3.65 -16.71
N THR A 329 33.59 -3.39 -17.90
CA THR A 329 34.41 -3.33 -19.10
C THR A 329 34.55 -1.85 -19.43
N TYR A 330 35.78 -1.32 -19.31
CA TYR A 330 36.08 0.08 -19.57
C TYR A 330 37.58 0.25 -19.90
N SER A 331 37.91 0.97 -20.98
CA SER A 331 39.31 1.22 -21.31
C SER A 331 39.62 2.68 -21.71
N GLY A 332 38.69 3.60 -21.42
CA GLY A 332 38.90 5.03 -21.67
C GLY A 332 39.75 5.72 -20.60
N ALA A 333 39.86 7.05 -20.68
CA ALA A 333 40.62 7.85 -19.70
C ALA A 333 39.93 7.83 -18.31
N GLU A 334 40.71 7.92 -17.23
CA GLU A 334 40.11 7.98 -15.89
C GLU A 334 39.30 9.25 -15.71
N MET A 335 38.16 9.16 -15.01
CA MET A 335 37.34 10.32 -14.73
C MET A 335 36.44 10.09 -13.56
N GLU A 336 36.04 11.19 -12.92
CA GLU A 336 35.14 11.23 -11.79
C GLU A 336 33.91 12.03 -12.24
N ILE A 337 32.71 11.59 -11.84
CA ILE A 337 31.47 12.28 -12.24
C ILE A 337 30.45 12.04 -11.15
N GLY A 338 29.66 13.06 -10.84
CA GLY A 338 28.64 12.95 -9.80
C GLY A 338 27.26 12.84 -10.39
N PHE A 339 26.39 12.10 -9.71
CA PHE A 339 24.98 11.96 -10.16
C PHE A 339 24.05 11.87 -8.98
N ASN A 340 22.80 12.26 -9.24
CA ASN A 340 21.71 12.01 -8.31
C ASN A 340 21.44 10.49 -8.48
N VAL A 341 21.67 9.73 -7.40
CA VAL A 341 21.53 8.25 -7.46
C VAL A 341 20.08 7.79 -7.81
N SER A 342 19.03 8.57 -7.43
CA SER A 342 17.64 8.19 -7.73
C SER A 342 17.44 8.23 -9.25
N TYR A 343 18.08 9.19 -9.94
CA TYR A 343 17.95 9.27 -11.41
C TYR A 343 18.62 8.08 -12.08
N VAL A 344 19.79 7.66 -11.56
CA VAL A 344 20.50 6.50 -12.11
C VAL A 344 19.68 5.22 -11.86
N LEU A 345 19.21 5.02 -10.62
CA LEU A 345 18.37 3.87 -10.26
C LEU A 345 17.11 3.81 -11.08
N ASP A 346 16.47 4.97 -11.34
CA ASP A 346 15.26 4.99 -12.20
C ASP A 346 15.54 4.40 -13.58
N VAL A 347 16.70 4.76 -14.17
CA VAL A 347 17.09 4.28 -15.49
C VAL A 347 17.32 2.75 -15.45
N LEU A 348 18.13 2.29 -14.48
CA LEU A 348 18.46 0.86 -14.35
C LEU A 348 17.21 0.02 -14.09
N ASN A 349 16.25 0.56 -13.32
CA ASN A 349 14.97 -0.12 -13.08
C ASN A 349 14.14 -0.18 -14.35
N ALA A 350 14.22 0.86 -15.21
CA ALA A 350 13.49 0.87 -16.47
C ALA A 350 14.09 -0.03 -17.54
N LEU A 351 15.40 -0.30 -17.46
CA LEU A 351 16.08 -1.10 -18.48
C LEU A 351 15.71 -2.60 -18.41
N LYS A 352 15.65 -3.23 -17.22
CA LYS A 352 15.18 -4.64 -17.13
C LYS A 352 15.85 -5.56 -18.17
N CYS A 353 17.18 -5.44 -18.28
CA CYS A 353 17.94 -6.19 -19.27
C CYS A 353 19.17 -6.80 -18.62
N GLU A 354 19.95 -7.56 -19.38
CA GLU A 354 21.11 -8.24 -18.82
C GLU A 354 22.28 -7.31 -18.57
N ASN A 355 22.66 -6.56 -19.60
CA ASN A 355 23.81 -5.67 -19.60
C ASN A 355 23.46 -4.28 -20.03
N VAL A 356 24.17 -3.31 -19.45
CA VAL A 356 23.98 -1.89 -19.76
CA VAL A 356 23.98 -1.87 -19.70
C VAL A 356 25.27 -1.24 -20.23
N ARG A 357 25.14 -0.25 -21.09
CA ARG A 357 26.24 0.54 -21.64
C ARG A 357 26.04 1.98 -21.15
N MET A 358 27.10 2.57 -20.57
CA MET A 358 27.10 3.98 -20.14
C MET A 358 28.12 4.65 -21.02
N MET A 359 27.70 5.74 -21.66
CA MET A 359 28.54 6.49 -22.60
C MET A 359 28.79 7.87 -22.02
N LEU A 360 30.03 8.14 -21.66
CA LEU A 360 30.48 9.35 -20.98
C LEU A 360 31.37 10.23 -21.85
N THR A 361 31.47 11.50 -21.45
CA THR A 361 32.31 12.51 -22.12
C THR A 361 33.26 13.10 -21.08
N ASP A 362 32.72 13.89 -20.13
CA ASP A 362 33.50 14.51 -19.06
C ASP A 362 32.61 14.73 -17.84
N SER A 363 33.18 15.31 -16.78
CA SER A 363 32.53 15.45 -15.49
C SER A 363 31.35 16.42 -15.47
N VAL A 364 31.25 17.28 -16.49
CA VAL A 364 30.23 18.33 -16.54
C VAL A 364 29.21 18.10 -17.64
N SER A 365 29.31 16.99 -18.36
CA SER A 365 28.41 16.67 -19.46
C SER A 365 27.51 15.49 -19.15
N SER A 366 26.36 15.43 -19.82
CA SER A 366 25.41 14.35 -19.60
C SER A 366 26.00 12.98 -19.95
N VAL A 367 25.40 11.91 -19.39
N VAL A 367 25.36 11.92 -19.46
CA VAL A 367 25.75 10.52 -19.69
CA VAL A 367 25.76 10.54 -19.73
C VAL A 367 24.57 9.95 -20.50
C VAL A 367 24.57 9.83 -20.38
N GLN A 368 24.86 9.02 -21.40
CA GLN A 368 23.80 8.30 -22.11
C GLN A 368 23.88 6.86 -21.61
N ILE A 369 22.73 6.28 -21.23
CA ILE A 369 22.65 4.93 -20.70
C ILE A 369 21.66 4.15 -21.57
N GLU A 370 22.05 2.96 -21.97
CA GLU A 370 21.23 2.11 -22.83
C GLU A 370 21.43 0.63 -22.49
N ASP A 371 20.49 -0.20 -22.94
CA ASP A 371 20.65 -1.66 -22.86
C ASP A 371 21.82 -1.96 -23.83
N ALA A 372 22.84 -2.73 -23.40
CA ALA A 372 23.99 -3.01 -24.29
C ALA A 372 23.57 -3.75 -25.59
N ALA A 373 22.47 -4.48 -25.54
CA ALA A 373 21.96 -5.31 -26.63
C ALA A 373 20.87 -4.66 -27.48
N SER A 374 20.35 -3.49 -27.09
CA SER A 374 19.26 -2.86 -27.84
C SER A 374 19.33 -1.34 -27.81
N GLN A 375 19.10 -0.72 -28.98
CA GLN A 375 19.08 0.74 -29.12
C GLN A 375 17.63 1.29 -29.19
N SER A 376 16.61 0.48 -28.84
N SER A 376 16.61 0.47 -28.83
CA SER A 376 15.19 0.91 -28.85
CA SER A 376 15.19 0.85 -28.82
C SER A 376 14.97 2.09 -27.89
C SER A 376 14.92 2.04 -27.87
N ALA A 377 15.64 2.07 -26.73
CA ALA A 377 15.50 3.14 -25.72
C ALA A 377 16.86 3.74 -25.38
N ALA A 378 16.87 5.02 -24.99
CA ALA A 378 18.11 5.67 -24.59
C ALA A 378 17.76 6.62 -23.47
N TYR A 379 18.66 6.73 -22.50
CA TYR A 379 18.44 7.58 -21.34
C TYR A 379 19.57 8.54 -21.20
N VAL A 380 19.26 9.78 -20.83
CA VAL A 380 20.29 10.84 -20.70
C VAL A 380 20.13 11.44 -19.32
N VAL A 381 21.23 11.45 -18.53
CA VAL A 381 21.18 12.00 -17.17
C VAL A 381 22.24 13.09 -17.06
N MET A 382 21.84 14.29 -16.60
N MET A 382 21.83 14.29 -16.61
CA MET A 382 22.78 15.39 -16.41
CA MET A 382 22.78 15.38 -16.40
C MET A 382 23.47 15.21 -15.04
C MET A 382 23.48 15.17 -15.04
N PRO A 383 24.82 15.33 -14.95
CA PRO A 383 25.48 15.15 -13.65
C PRO A 383 25.23 16.25 -12.62
N MET A 384 25.80 16.06 -11.43
CA MET A 384 25.78 17.01 -10.36
C MET A 384 27.23 17.54 -10.25
N ARG A 385 27.40 18.76 -9.72
N ARG A 385 27.40 18.76 -9.70
CA ARG A 385 28.71 19.35 -9.44
CA ARG A 385 28.72 19.33 -9.44
C ARG A 385 29.28 18.54 -8.26
C ARG A 385 29.29 18.54 -8.25
N LEU A 386 30.52 18.03 -8.38
CA LEU A 386 31.17 17.27 -7.29
C LEU A 386 31.89 18.27 -6.39
N GLY B 18 36.83 -5.85 25.70
CA GLY B 18 35.50 -5.35 25.37
C GLY B 18 35.49 -3.95 24.71
N SER B 19 36.65 -3.46 24.26
CA SER B 19 36.71 -2.14 23.63
C SER B 19 36.69 -2.17 22.10
N HIS B 20 36.96 -3.36 21.48
CA HIS B 20 37.07 -3.49 20.02
CA HIS B 20 37.04 -3.44 20.01
C HIS B 20 36.11 -4.50 19.39
N MET B 21 34.78 -4.30 19.53
CA MET B 21 33.77 -5.20 18.99
C MET B 21 33.99 -5.59 17.53
N LYS B 22 33.88 -6.88 17.22
CA LYS B 22 34.07 -7.37 15.87
C LYS B 22 33.39 -8.70 15.74
N PHE B 23 32.71 -8.91 14.61
CA PHE B 23 32.03 -10.16 14.34
C PHE B 23 31.85 -10.36 12.83
N THR B 24 31.72 -11.62 12.40
CA THR B 24 31.44 -11.96 11.00
C THR B 24 30.25 -12.93 11.02
N VAL B 25 29.23 -12.63 10.21
CA VAL B 25 28.00 -13.43 10.18
C VAL B 25 27.45 -13.54 8.75
N GLU B 26 26.76 -14.65 8.44
CA GLU B 26 26.11 -14.81 7.16
C GLU B 26 24.89 -13.88 7.14
N ARG B 27 24.65 -13.20 6.01
CA ARG B 27 23.52 -12.29 5.83
C ARG B 27 22.21 -12.98 6.24
N GLU B 28 22.03 -14.25 5.82
CA GLU B 28 20.81 -15.03 6.07
C GLU B 28 20.54 -15.23 7.57
N HIS B 29 21.57 -15.17 8.43
CA HIS B 29 21.40 -15.30 9.88
C HIS B 29 21.13 -13.96 10.57
N LEU B 30 21.35 -12.87 9.85
CA LEU B 30 21.20 -11.53 10.40
C LEU B 30 19.91 -10.82 10.02
N LEU B 31 19.37 -11.07 8.80
CA LEU B 31 18.20 -10.38 8.27
C LEU B 31 16.93 -10.39 9.12
N LYS B 32 16.36 -11.59 9.43
CA LYS B 32 15.13 -11.67 10.22
C LYS B 32 15.34 -11.07 11.62
N PRO B 33 16.45 -11.36 12.36
CA PRO B 33 16.66 -10.66 13.66
C PRO B 33 16.68 -9.13 13.53
N LEU B 34 17.36 -8.58 12.46
CA LEU B 34 17.40 -7.10 12.25
C LEU B 34 16.03 -6.50 12.02
N GLN B 35 15.21 -7.16 11.16
CA GLN B 35 13.83 -6.71 10.88
C GLN B 35 12.99 -6.71 12.14
N GLN B 36 13.08 -7.80 12.92
CA GLN B 36 12.32 -7.96 14.16
C GLN B 36 12.64 -6.91 15.24
N VAL B 37 13.95 -6.71 15.57
CA VAL B 37 14.31 -5.78 16.67
C VAL B 37 13.99 -4.32 16.37
N SER B 38 13.80 -4.02 15.08
CA SER B 38 13.43 -2.69 14.60
CA SER B 38 13.42 -2.70 14.59
C SER B 38 11.94 -2.37 14.87
N GLY B 39 11.13 -3.38 15.17
CA GLY B 39 9.71 -3.22 15.46
C GLY B 39 9.34 -2.04 16.33
N PRO B 40 9.90 -1.92 17.58
CA PRO B 40 9.55 -0.76 18.46
C PRO B 40 9.92 0.64 17.93
N LEU B 41 10.74 0.71 16.87
CA LEU B 41 11.24 1.97 16.30
C LEU B 41 10.27 2.65 15.34
N THR B 46 12.37 10.77 17.13
CA THR B 46 12.01 11.29 18.45
C THR B 46 13.28 11.77 19.19
N LEU B 47 13.97 10.85 19.88
CA LEU B 47 15.23 11.02 20.60
C LEU B 47 16.27 10.24 19.76
N PRO B 48 17.45 10.83 19.41
CA PRO B 48 18.42 10.12 18.55
C PRO B 48 18.75 8.67 18.93
N ILE B 49 19.06 8.37 20.18
CA ILE B 49 19.38 7.01 20.65
C ILE B 49 18.31 5.98 20.30
N LEU B 50 17.02 6.40 20.30
CA LEU B 50 15.91 5.48 20.00
C LEU B 50 15.86 5.02 18.53
N GLY B 51 16.56 5.73 17.64
CA GLY B 51 16.64 5.35 16.23
C GLY B 51 17.75 4.34 15.97
N ASN B 52 18.50 3.97 17.02
CA ASN B 52 19.62 3.02 16.93
C ASN B 52 19.31 1.68 17.56
N LEU B 53 20.02 0.64 17.09
CA LEU B 53 19.99 -0.69 17.69
C LEU B 53 21.24 -0.86 18.53
N LEU B 54 21.11 -1.50 19.69
CA LEU B 54 22.23 -1.85 20.55
C LEU B 54 22.77 -3.20 20.07
N LEU B 55 24.09 -3.27 19.76
CA LEU B 55 24.75 -4.51 19.34
C LEU B 55 25.70 -4.87 20.46
N GLN B 56 25.67 -6.11 20.91
CA GLN B 56 26.54 -6.57 21.99
C GLN B 56 27.09 -7.93 21.59
N VAL B 57 28.41 -8.06 21.67
CA VAL B 57 29.06 -9.33 21.32
C VAL B 57 29.73 -9.87 22.58
N ALA B 58 29.42 -11.12 22.95
CA ALA B 58 30.06 -11.77 24.10
C ALA B 58 29.86 -13.26 24.01
N ASP B 59 30.99 -14.01 24.17
CA ASP B 59 31.09 -15.48 24.20
C ASP B 59 30.14 -16.21 23.26
N GLY B 60 30.38 -16.10 21.96
CA GLY B 60 29.60 -16.78 20.95
C GLY B 60 28.20 -16.23 20.65
N THR B 61 27.83 -15.07 21.22
CA THR B 61 26.51 -14.51 20.95
C THR B 61 26.56 -13.05 20.53
N LEU B 62 25.81 -12.72 19.49
CA LEU B 62 25.56 -11.34 19.11
C LEU B 62 24.13 -11.06 19.59
N SER B 63 23.93 -10.00 20.38
CA SER B 63 22.60 -9.57 20.82
C SER B 63 22.31 -8.25 20.11
N LEU B 64 21.06 -8.10 19.64
CA LEU B 64 20.58 -6.90 18.96
C LEU B 64 19.34 -6.45 19.72
N THR B 65 19.31 -5.17 20.15
CA THR B 65 18.16 -4.63 20.91
C THR B 65 17.63 -3.35 20.30
N GLY B 66 16.31 -3.26 20.23
CA GLY B 66 15.57 -2.08 19.82
C GLY B 66 14.63 -1.69 20.94
N THR B 67 14.43 -0.39 21.22
CA THR B 67 13.49 0.03 22.30
C THR B 67 12.83 1.36 21.94
N ASP B 68 11.67 1.64 22.55
CA ASP B 68 11.00 2.93 22.41
C ASP B 68 10.80 3.54 23.83
N LEU B 69 11.51 2.97 24.84
CA LEU B 69 11.44 3.29 26.28
C LEU B 69 10.32 2.58 27.05
N GLU B 70 9.24 2.23 26.35
CA GLU B 70 8.06 1.52 26.94
C GLU B 70 8.19 0.00 26.77
N MET B 71 8.83 -0.42 25.67
N MET B 71 8.89 -0.42 25.72
CA MET B 71 9.05 -1.83 25.33
CA MET B 71 9.09 -1.84 25.41
C MET B 71 10.44 -2.02 24.73
C MET B 71 10.43 -2.03 24.69
N GLU B 72 10.89 -3.27 24.65
CA GLU B 72 12.16 -3.60 24.02
C GLU B 72 12.04 -4.96 23.34
N MET B 73 12.79 -5.13 22.26
CA MET B 73 12.84 -6.39 21.51
C MET B 73 14.32 -6.76 21.41
N VAL B 74 14.66 -7.99 21.82
CA VAL B 74 16.04 -8.48 21.81
C VAL B 74 16.08 -9.69 20.88
N ALA B 75 17.14 -9.82 20.08
CA ALA B 75 17.36 -11.01 19.24
C ALA B 75 18.74 -11.54 19.56
N ARG B 76 18.88 -12.86 19.64
CA ARG B 76 20.18 -13.50 19.87
C ARG B 76 20.61 -14.24 18.64
N VAL B 77 21.84 -13.98 18.21
CA VAL B 77 22.40 -14.59 17.02
C VAL B 77 23.70 -15.30 17.42
N ALA B 78 23.79 -16.62 17.17
CA ALA B 78 25.00 -17.38 17.51
C ALA B 78 26.14 -16.94 16.57
N LEU B 79 27.32 -16.74 17.13
CA LEU B 79 28.51 -16.33 16.37
C LEU B 79 29.44 -17.54 16.30
N VAL B 80 29.51 -18.17 15.13
CA VAL B 80 30.27 -19.40 14.94
C VAL B 80 31.70 -19.14 14.45
N GLN B 81 31.95 -17.89 14.02
CA GLN B 81 33.24 -17.45 13.50
C GLN B 81 33.96 -16.63 14.55
N PRO B 82 35.33 -16.51 14.52
CA PRO B 82 36.01 -15.69 15.54
C PRO B 82 35.43 -14.28 15.66
N HIS B 83 35.39 -13.78 16.90
CA HIS B 83 34.77 -12.50 17.20
C HIS B 83 35.47 -11.90 18.37
N GLU B 84 35.26 -10.61 18.55
CA GLU B 84 35.86 -9.95 19.69
C GLU B 84 34.75 -9.24 20.44
N PRO B 85 34.74 -9.33 21.79
CA PRO B 85 33.61 -8.76 22.53
C PRO B 85 33.56 -7.25 22.51
N GLY B 86 32.38 -6.73 22.79
CA GLY B 86 32.20 -5.30 22.87
C GLY B 86 30.77 -4.93 22.54
N ALA B 87 30.51 -3.65 22.53
CA ALA B 87 29.15 -3.18 22.27
C ALA B 87 29.19 -1.79 21.65
N THR B 88 28.15 -1.49 20.87
CA THR B 88 27.96 -0.20 20.25
C THR B 88 26.49 -0.05 19.87
N THR B 89 26.10 1.13 19.37
CA THR B 89 24.72 1.35 18.88
C THR B 89 24.88 1.94 17.49
N VAL B 90 24.07 1.51 16.54
CA VAL B 90 24.13 1.95 15.15
C VAL B 90 22.74 2.28 14.59
N PRO B 91 22.62 3.22 13.60
CA PRO B 91 21.28 3.51 13.04
C PRO B 91 20.61 2.24 12.49
N ALA B 92 19.42 1.92 13.01
CA ALA B 92 18.72 0.68 12.69
C ALA B 92 18.34 0.52 11.24
N ARG B 93 17.65 1.53 10.71
CA ARG B 93 17.14 1.50 9.34
C ARG B 93 18.29 1.38 8.34
N LYS B 94 19.34 2.19 8.50
CA LYS B 94 20.53 2.13 7.62
C LYS B 94 21.22 0.75 7.68
N PHE B 95 21.47 0.22 8.91
CA PHE B 95 22.12 -1.07 9.07
C PHE B 95 21.30 -2.19 8.44
N PHE B 96 19.98 -2.19 8.67
CA PHE B 96 19.09 -3.17 8.04
C PHE B 96 19.12 -3.07 6.49
N ASP B 97 18.93 -1.86 5.96
CA ASP B 97 18.92 -1.63 4.52
C ASP B 97 20.23 -2.07 3.85
N ILE B 98 21.38 -1.87 4.52
CA ILE B 98 22.69 -2.31 3.99
C ILE B 98 22.73 -3.85 3.90
N CYS B 99 22.39 -4.52 5.01
CA CYS B 99 22.38 -5.98 5.06
C CYS B 99 21.38 -6.58 4.05
N ARG B 100 20.17 -6.02 3.96
CA ARG B 100 19.14 -6.49 3.02
C ARG B 100 19.59 -6.27 1.57
N GLY B 101 20.30 -5.16 1.32
CA GLY B 101 20.78 -4.80 -0.02
C GLY B 101 21.91 -5.66 -0.53
N LEU B 102 22.61 -6.38 0.37
CA LEU B 102 23.73 -7.24 -0.01
C LEU B 102 23.21 -8.53 -0.71
N PRO B 103 24.02 -9.17 -1.58
CA PRO B 103 23.52 -10.35 -2.29
C PRO B 103 23.24 -11.56 -1.40
N GLU B 104 22.37 -12.47 -1.87
CA GLU B 104 22.07 -13.72 -1.15
C GLU B 104 23.37 -14.48 -0.91
N GLY B 105 23.53 -14.99 0.31
CA GLY B 105 24.72 -15.73 0.70
C GLY B 105 25.91 -14.91 1.13
N ALA B 106 25.80 -13.55 1.11
CA ALA B 106 26.90 -12.65 1.52
C ALA B 106 27.33 -12.92 2.98
N GLU B 107 28.63 -12.79 3.24
CA GLU B 107 29.23 -12.86 4.57
C GLU B 107 29.38 -11.37 4.95
N ILE B 108 28.95 -11.03 6.16
CA ILE B 108 28.98 -9.63 6.62
C ILE B 108 29.97 -9.54 7.77
N ALA B 109 31.04 -8.77 7.56
CA ALA B 109 32.07 -8.54 8.55
C ALA B 109 31.85 -7.15 9.17
N VAL B 110 31.69 -7.11 10.50
CA VAL B 110 31.41 -5.88 11.22
C VAL B 110 32.47 -5.59 12.26
N GLN B 111 32.89 -4.32 12.39
CA GLN B 111 33.82 -3.94 13.44
C GLN B 111 33.77 -2.49 13.76
N LEU B 112 33.96 -2.21 15.02
CA LEU B 112 34.02 -0.86 15.51
C LEU B 112 35.43 -0.33 15.18
N GLU B 113 35.51 0.88 14.64
CA GLU B 113 36.77 1.56 14.31
C GLU B 113 36.65 2.98 14.85
N GLY B 114 37.18 3.21 16.06
CA GLY B 114 37.01 4.52 16.69
C GLY B 114 35.54 4.67 17.06
N GLU B 115 34.92 5.74 16.56
CA GLU B 115 33.50 6.05 16.79
C GLU B 115 32.63 5.65 15.57
N ARG B 116 33.17 4.87 14.64
CA ARG B 116 32.42 4.43 13.47
C ARG B 116 32.26 2.93 13.48
N MET B 117 31.14 2.44 12.95
CA MET B 117 30.97 1.00 12.82
C MET B 117 31.10 0.67 11.33
N LEU B 118 32.07 -0.19 11.00
CA LEU B 118 32.33 -0.61 9.64
C LEU B 118 31.58 -1.89 9.33
N VAL B 119 31.01 -1.94 8.13
CA VAL B 119 30.28 -3.09 7.60
C VAL B 119 30.93 -3.40 6.26
N ARG B 120 31.47 -4.62 6.12
CA ARG B 120 32.17 -5.00 4.90
C ARG B 120 31.64 -6.32 4.38
N SER B 121 31.47 -6.42 3.05
CA SER B 121 31.06 -7.65 2.38
C SER B 121 31.51 -7.54 0.91
N GLY B 122 32.29 -8.51 0.42
CA GLY B 122 32.82 -8.47 -0.95
C GLY B 122 33.66 -7.20 -1.10
N ARG B 123 33.34 -6.36 -2.09
CA ARG B 123 34.03 -5.07 -2.22
C ARG B 123 33.07 -3.90 -1.93
N SER B 124 32.18 -4.13 -0.95
CA SER B 124 31.21 -3.14 -0.46
C SER B 124 31.69 -2.75 0.94
N ARG B 125 31.78 -1.45 1.22
CA ARG B 125 32.27 -0.97 2.51
C ARG B 125 31.33 0.14 2.99
N PHE B 126 30.86 0.05 4.25
CA PHE B 126 29.98 1.07 4.80
C PHE B 126 30.49 1.49 6.15
N SER B 127 30.60 2.81 6.37
CA SER B 127 31.05 3.38 7.63
C SER B 127 29.86 4.10 8.23
N LEU B 128 29.32 3.58 9.36
CA LEU B 128 28.15 4.13 10.04
C LEU B 128 28.51 4.89 11.30
N SER B 129 27.71 5.93 11.61
CA SER B 129 27.92 6.69 12.84
C SER B 129 27.42 5.82 14.00
N THR B 130 27.89 6.08 15.23
CA THR B 130 27.50 5.29 16.39
C THR B 130 27.13 6.24 17.52
N LEU B 131 26.49 5.70 18.54
CA LEU B 131 26.27 6.36 19.82
C LEU B 131 26.70 5.32 20.86
N PRO B 132 27.33 5.73 21.99
CA PRO B 132 27.86 4.74 22.93
C PRO B 132 26.81 3.79 23.50
N ALA B 133 27.21 2.51 23.62
CA ALA B 133 26.38 1.44 24.20
C ALA B 133 25.92 1.83 25.61
N ALA B 134 26.78 2.50 26.39
CA ALA B 134 26.42 2.96 27.73
C ALA B 134 25.20 3.92 27.71
N ASP B 135 24.94 4.60 26.58
CA ASP B 135 23.84 5.57 26.48
C ASP B 135 22.52 4.90 26.14
N PHE B 136 22.54 3.60 25.78
CA PHE B 136 21.32 2.91 25.36
C PHE B 136 20.40 2.66 26.55
N PRO B 137 19.15 3.15 26.47
CA PRO B 137 18.24 3.02 27.63
C PRO B 137 17.72 1.63 27.87
N ASN B 138 17.72 1.20 29.14
CA ASN B 138 17.26 -0.12 29.55
C ASN B 138 15.98 0.02 30.36
N LEU B 139 15.15 -1.03 30.34
CA LEU B 139 13.98 -1.09 31.18
C LEU B 139 14.48 -1.47 32.57
N ASP B 140 13.82 -0.94 33.62
CA ASP B 140 14.21 -1.27 35.00
C ASP B 140 14.15 -2.79 35.28
N ASP B 141 14.95 -3.25 36.27
CA ASP B 141 14.97 -4.66 36.70
C ASP B 141 13.60 -5.01 37.29
N TRP B 142 13.15 -6.26 37.10
CA TRP B 142 11.85 -6.69 37.60
C TRP B 142 11.82 -8.18 37.86
N GLN B 143 10.77 -8.67 38.55
CA GLN B 143 10.64 -10.08 38.86
C GLN B 143 9.34 -10.66 38.33
N SER B 144 9.43 -11.86 37.75
CA SER B 144 8.31 -12.59 37.18
C SER B 144 7.51 -13.26 38.31
N GLU B 145 6.16 -13.26 38.21
CA GLU B 145 5.22 -13.84 39.19
C GLU B 145 4.50 -15.08 38.64
N VAL B 146 4.29 -15.10 37.30
CA VAL B 146 3.64 -16.20 36.59
C VAL B 146 4.39 -16.47 35.28
N GLU B 147 4.48 -17.75 34.92
CA GLU B 147 5.13 -18.21 33.71
C GLU B 147 4.31 -19.33 33.13
N PHE B 148 4.16 -19.33 31.80
CA PHE B 148 3.45 -20.38 31.08
C PHE B 148 3.91 -20.41 29.63
N THR B 149 3.72 -21.56 28.99
CA THR B 149 4.10 -21.78 27.60
C THR B 149 2.88 -22.19 26.82
N LEU B 150 2.72 -21.61 25.62
CA LEU B 150 1.57 -21.94 24.77
C LEU B 150 1.95 -21.87 23.30
N PRO B 151 1.18 -22.50 22.39
CA PRO B 151 1.50 -22.37 20.96
C PRO B 151 1.35 -20.92 20.50
N GLN B 152 2.21 -20.48 19.57
CA GLN B 152 2.14 -19.16 18.95
C GLN B 152 0.74 -18.94 18.34
N ALA B 153 0.19 -20.00 17.69
CA ALA B 153 -1.11 -19.98 17.03
C ALA B 153 -2.23 -19.58 18.00
N THR B 154 -2.18 -20.05 19.26
CA THR B 154 -3.14 -19.71 20.30
C THR B 154 -3.05 -18.21 20.67
N MET B 155 -1.84 -17.68 20.88
CA MET B 155 -1.66 -16.25 21.19
C MET B 155 -2.17 -15.38 20.03
N LYS B 156 -1.87 -15.80 18.79
CA LYS B 156 -2.30 -15.12 17.56
C LYS B 156 -3.82 -15.06 17.52
N ARG B 157 -4.48 -16.21 17.76
CA ARG B 157 -5.94 -16.28 17.80
C ARG B 157 -6.52 -15.32 18.86
N LEU B 158 -5.98 -15.35 20.08
CA LEU B 158 -6.45 -14.48 21.17
C LEU B 158 -6.35 -12.99 20.84
N ILE B 159 -5.20 -12.60 20.26
CA ILE B 159 -4.97 -11.19 19.91
C ILE B 159 -5.83 -10.77 18.73
N GLU B 160 -5.85 -11.59 17.67
CA GLU B 160 -6.62 -11.25 16.47
C GLU B 160 -8.11 -11.17 16.72
N ALA B 161 -8.60 -11.96 17.68
CA ALA B 161 -10.01 -12.00 17.98
C ALA B 161 -10.47 -10.71 18.68
N THR B 162 -9.56 -9.95 19.30
CA THR B 162 -9.99 -8.81 20.11
C THR B 162 -9.31 -7.47 19.84
N GLN B 163 -8.14 -7.48 19.22
CA GLN B 163 -7.30 -6.30 18.97
C GLN B 163 -8.05 -5.08 18.42
N PHE B 164 -8.96 -5.30 17.45
CA PHE B 164 -9.70 -4.21 16.82
C PHE B 164 -10.60 -3.39 17.80
N SER B 165 -10.96 -3.98 18.96
CA SER B 165 -11.84 -3.32 19.94
C SER B 165 -11.10 -2.47 20.97
N MET B 166 -9.76 -2.44 20.92
CA MET B 166 -8.99 -1.59 21.87
C MET B 166 -9.28 -0.14 21.52
N ALA B 167 -9.23 0.73 22.54
CA ALA B 167 -9.34 2.16 22.27
C ALA B 167 -7.96 2.64 21.70
N HIS B 168 -7.94 3.82 21.08
CA HIS B 168 -6.67 4.34 20.51
C HIS B 168 -6.03 5.41 21.39
N GLN B 169 -6.76 6.48 21.67
CA GLN B 169 -6.24 7.58 22.49
C GLN B 169 -7.30 8.05 23.49
N ASP B 170 -8.00 7.09 24.11
CA ASP B 170 -9.02 7.41 25.10
C ASP B 170 -8.36 8.00 26.34
N VAL B 171 -9.05 8.93 26.99
CA VAL B 171 -8.62 9.56 28.23
C VAL B 171 -8.48 8.48 29.33
N ARG B 172 -9.32 7.39 29.28
CA ARG B 172 -9.28 6.22 30.17
C ARG B 172 -8.14 5.36 29.59
N TYR B 173 -6.89 5.71 29.97
CA TYR B 173 -5.63 5.11 29.48
C TYR B 173 -5.62 3.59 29.44
N TYR B 174 -6.26 2.97 30.42
CA TYR B 174 -6.33 1.52 30.57
C TYR B 174 -7.09 0.84 29.41
N LEU B 175 -7.85 1.62 28.60
CA LEU B 175 -8.58 1.09 27.44
C LEU B 175 -7.73 1.07 26.18
N ASN B 176 -6.60 1.83 26.17
CA ASN B 176 -5.63 1.90 25.04
C ASN B 176 -4.65 0.72 25.16
N GLY B 177 -5.20 -0.43 25.25
CA GLY B 177 -4.44 -1.65 25.44
C GLY B 177 -5.37 -2.82 25.53
N MET B 178 -4.82 -3.96 25.93
CA MET B 178 -5.54 -5.21 25.97
C MET B 178 -5.28 -5.89 27.28
N LEU B 179 -6.37 -6.39 27.87
CA LEU B 179 -6.26 -7.15 29.10
C LEU B 179 -5.83 -8.58 28.73
N PHE B 180 -4.83 -9.10 29.44
CA PHE B 180 -4.36 -10.48 29.36
C PHE B 180 -4.67 -11.06 30.72
N GLU B 181 -5.46 -12.14 30.75
CA GLU B 181 -5.92 -12.74 31.99
CA GLU B 181 -5.88 -12.75 32.01
C GLU B 181 -5.73 -14.25 32.03
N THR B 182 -5.17 -14.79 33.12
CA THR B 182 -5.03 -16.23 33.29
C THR B 182 -6.12 -16.60 34.32
N GLU B 183 -6.88 -17.64 34.03
CA GLU B 183 -7.95 -18.13 34.91
C GLU B 183 -8.13 -19.63 34.69
N GLY B 184 -7.89 -20.42 35.74
CA GLY B 184 -8.01 -21.88 35.66
C GLY B 184 -6.99 -22.42 34.70
N GLU B 185 -7.44 -23.02 33.59
CA GLU B 185 -6.54 -23.55 32.57
C GLU B 185 -6.60 -22.66 31.28
N GLU B 186 -7.21 -21.47 31.38
CA GLU B 186 -7.38 -20.62 30.21
C GLU B 186 -6.59 -19.33 30.23
N LEU B 187 -6.26 -18.81 29.03
CA LEU B 187 -5.67 -17.51 28.85
C LEU B 187 -6.77 -16.74 28.08
N ARG B 188 -7.03 -15.53 28.50
CA ARG B 188 -8.10 -14.71 27.95
C ARG B 188 -7.61 -13.32 27.60
N THR B 189 -8.15 -12.78 26.52
CA THR B 189 -7.89 -11.39 26.13
C THR B 189 -9.22 -10.65 26.14
N VAL B 190 -9.19 -9.37 26.58
CA VAL B 190 -10.37 -8.50 26.58
C VAL B 190 -9.92 -7.15 26.02
N ALA B 191 -10.74 -6.56 25.14
CA ALA B 191 -10.46 -5.23 24.62
C ALA B 191 -11.78 -4.51 24.47
N THR B 192 -11.79 -3.23 24.85
CA THR B 192 -12.98 -2.39 24.78
C THR B 192 -12.60 -0.93 24.64
N ASP B 193 -13.43 -0.17 23.94
CA ASP B 193 -13.23 1.26 23.79
C ASP B 193 -14.41 2.04 24.40
N GLY B 194 -15.25 1.38 25.20
CA GLY B 194 -16.41 2.01 25.81
C GLY B 194 -17.67 1.95 24.96
N HIS B 195 -17.56 1.57 23.70
CA HIS B 195 -18.71 1.44 22.78
C HIS B 195 -18.93 -0.01 22.42
N ARG B 196 -17.85 -0.72 22.21
CA ARG B 196 -17.86 -2.12 21.87
C ARG B 196 -16.79 -2.85 22.63
N LEU B 197 -16.99 -4.15 22.82
CA LEU B 197 -16.07 -5.00 23.58
C LEU B 197 -15.91 -6.34 22.83
N ALA B 198 -14.68 -6.89 22.92
CA ALA B 198 -14.32 -8.21 22.39
C ALA B 198 -13.65 -9.00 23.53
N VAL B 199 -14.01 -10.28 23.65
CA VAL B 199 -13.41 -11.18 24.67
C VAL B 199 -13.18 -12.53 24.01
N CYS B 200 -12.01 -13.11 24.24
CA CYS B 200 -11.68 -14.42 23.69
C CYS B 200 -10.93 -15.20 24.76
N SER B 201 -11.22 -16.49 24.91
CA SER B 201 -10.46 -17.30 25.87
C SER B 201 -10.12 -18.64 25.23
N MET B 202 -8.94 -19.15 25.59
CA MET B 202 -8.47 -20.42 25.01
C MET B 202 -7.84 -21.28 26.09
N PRO B 203 -8.15 -22.57 26.12
CA PRO B 203 -7.50 -23.45 27.12
C PRO B 203 -6.02 -23.66 26.71
N ILE B 204 -5.10 -23.64 27.68
CA ILE B 204 -3.67 -23.78 27.35
C ILE B 204 -2.99 -24.97 28.08
N GLY B 205 -3.81 -25.96 28.49
CA GLY B 205 -3.39 -27.26 29.03
C GLY B 205 -2.50 -27.30 30.25
N GLN B 206 -2.60 -26.28 31.10
CA GLN B 206 -1.85 -26.07 32.33
C GLN B 206 -2.77 -25.39 33.32
N SER B 207 -2.61 -25.67 34.64
CA SER B 207 -3.34 -24.99 35.71
C SER B 207 -2.56 -23.72 36.02
N LEU B 208 -3.23 -22.56 35.96
CA LEU B 208 -2.57 -21.27 36.16
C LEU B 208 -3.08 -20.51 37.35
N PRO B 209 -2.24 -19.67 37.98
CA PRO B 209 -2.78 -18.75 39.00
C PRO B 209 -3.63 -17.67 38.31
N SER B 210 -4.41 -16.93 39.08
CA SER B 210 -5.27 -15.88 38.55
C SER B 210 -4.52 -14.56 38.50
N HIS B 211 -4.38 -14.00 37.30
CA HIS B 211 -3.64 -12.76 37.08
C HIS B 211 -4.27 -12.00 35.92
N SER B 212 -4.26 -10.67 35.99
CA SER B 212 -4.83 -9.79 34.98
C SER B 212 -3.91 -8.61 34.82
N VAL B 213 -3.46 -8.38 33.58
CA VAL B 213 -2.55 -7.28 33.28
C VAL B 213 -3.02 -6.60 32.00
N ILE B 214 -2.73 -5.31 31.86
CA ILE B 214 -3.07 -4.55 30.65
C ILE B 214 -1.78 -4.31 29.88
N VAL B 215 -1.73 -4.82 28.63
CA VAL B 215 -0.59 -4.63 27.73
C VAL B 215 -0.88 -3.39 26.87
N PRO B 216 0.05 -2.41 26.77
CA PRO B 216 -0.21 -1.22 25.91
C PRO B 216 -0.48 -1.63 24.47
N ARG B 217 -1.33 -0.88 23.78
CA ARG B 217 -1.69 -1.25 22.42
C ARG B 217 -0.49 -1.40 21.48
N LYS B 218 0.54 -0.56 21.62
CA LYS B 218 1.77 -0.67 20.82
C LYS B 218 2.49 -2.00 21.14
N GLY B 219 2.44 -2.45 22.41
CA GLY B 219 3.01 -3.72 22.86
C GLY B 219 2.25 -4.92 22.29
N VAL B 220 0.91 -4.80 22.19
CA VAL B 220 0.05 -5.87 21.62
C VAL B 220 0.46 -6.06 20.13
N ILE B 221 0.62 -4.93 19.40
CA ILE B 221 1.01 -4.94 17.98
C ILE B 221 2.38 -5.61 17.79
N GLU B 222 3.34 -5.27 18.66
CA GLU B 222 4.68 -5.84 18.56
C GLU B 222 4.73 -7.32 18.94
N LEU B 223 3.94 -7.76 19.96
CA LEU B 223 3.81 -9.17 20.31
C LEU B 223 3.26 -9.95 19.10
N MET B 224 2.24 -9.39 18.46
CA MET B 224 1.66 -9.99 17.26
C MET B 224 2.69 -10.16 16.13
N ARG B 225 3.52 -9.13 15.89
CA ARG B 225 4.58 -9.08 14.88
C ARG B 225 5.62 -10.19 15.06
N MET B 226 5.87 -10.59 16.31
CA MET B 226 6.88 -11.60 16.58
C MET B 226 6.36 -13.05 16.41
N LEU B 227 5.04 -13.24 16.25
CA LEU B 227 4.50 -14.57 16.03
C LEU B 227 4.57 -14.90 14.54
N ASP B 228 5.45 -15.84 14.17
CA ASP B 228 5.68 -16.24 12.78
C ASP B 228 4.82 -17.43 12.32
N GLY B 229 3.75 -17.74 13.06
CA GLY B 229 2.86 -18.87 12.76
C GLY B 229 3.44 -20.23 13.11
N GLY B 230 4.76 -20.38 12.93
CA GLY B 230 5.55 -21.58 13.17
C GLY B 230 5.38 -22.27 14.49
N ASP B 231 5.96 -23.48 14.59
CA ASP B 231 5.84 -24.37 15.76
C ASP B 231 6.71 -23.99 16.97
N ASN B 232 7.61 -22.98 16.89
CA ASN B 232 8.37 -22.56 18.09
C ASN B 232 7.33 -22.12 19.16
N PRO B 233 7.29 -22.71 20.37
CA PRO B 233 6.26 -22.28 21.32
C PRO B 233 6.56 -20.89 21.89
N LEU B 234 5.56 -20.26 22.47
CA LEU B 234 5.73 -18.96 23.08
C LEU B 234 5.80 -19.14 24.59
N ARG B 235 6.85 -18.61 25.23
CA ARG B 235 6.96 -18.65 26.68
C ARG B 235 6.66 -17.24 27.21
N VAL B 236 5.66 -17.13 28.12
CA VAL B 236 5.23 -15.84 28.68
C VAL B 236 5.59 -15.75 30.14
N GLN B 237 6.16 -14.61 30.56
CA GLN B 237 6.46 -14.29 31.95
C GLN B 237 5.76 -12.97 32.28
N ILE B 238 4.98 -12.94 33.36
CA ILE B 238 4.26 -11.75 33.78
C ILE B 238 4.71 -11.33 35.18
N GLY B 239 5.05 -10.06 35.31
CA GLY B 239 5.40 -9.43 36.58
C GLY B 239 4.28 -8.51 37.02
N SER B 240 4.52 -7.71 38.06
CA SER B 240 3.47 -6.76 38.50
C SER B 240 3.36 -5.58 37.53
N ASN B 241 4.49 -5.16 36.91
CA ASN B 241 4.57 -3.99 36.03
C ASN B 241 5.14 -4.25 34.63
N ASN B 242 5.41 -5.53 34.29
CA ASN B 242 5.98 -5.90 33.00
C ASN B 242 5.45 -7.23 32.52
N ILE B 243 5.54 -7.44 31.20
CA ILE B 243 5.26 -8.70 30.53
C ILE B 243 6.46 -9.00 29.63
N ARG B 244 6.80 -10.27 29.51
CA ARG B 244 7.90 -10.72 28.65
C ARG B 244 7.47 -11.96 27.87
N ALA B 245 7.78 -11.98 26.56
CA ALA B 245 7.46 -13.10 25.69
C ALA B 245 8.74 -13.58 24.99
N HIS B 246 9.01 -14.88 25.04
CA HIS B 246 10.17 -15.51 24.39
C HIS B 246 9.63 -16.37 23.27
N VAL B 247 10.09 -16.14 22.03
CA VAL B 247 9.72 -16.90 20.83
C VAL B 247 11.04 -17.12 20.10
N GLY B 248 11.44 -18.37 19.89
CA GLY B 248 12.69 -18.72 19.22
C GLY B 248 13.87 -17.99 19.86
N ASP B 249 14.62 -17.22 19.07
CA ASP B 249 15.77 -16.44 19.57
C ASP B 249 15.42 -14.98 19.91
N PHE B 250 14.12 -14.69 20.05
CA PHE B 250 13.63 -13.34 20.36
C PHE B 250 13.03 -13.24 21.75
N ILE B 251 13.24 -12.09 22.40
CA ILE B 251 12.70 -11.79 23.70
C ILE B 251 12.10 -10.39 23.63
N PHE B 252 10.79 -10.29 23.87
CA PHE B 252 10.08 -9.03 23.88
C PHE B 252 9.66 -8.69 25.30
N THR B 253 9.90 -7.45 25.75
CA THR B 253 9.51 -7.05 27.11
C THR B 253 8.76 -5.74 27.00
N SER B 254 7.64 -5.59 27.72
CA SER B 254 6.89 -4.33 27.72
C SER B 254 6.48 -3.98 29.13
N LYS B 255 6.37 -2.68 29.39
CA LYS B 255 5.80 -2.18 30.62
C LYS B 255 4.28 -2.43 30.49
N LEU B 256 3.59 -2.52 31.62
CA LEU B 256 2.14 -2.72 31.65
C LEU B 256 1.43 -1.38 31.87
N VAL B 257 0.14 -1.30 31.55
CA VAL B 257 -0.66 -0.08 31.76
C VAL B 257 -1.31 -0.11 33.16
N ASP B 258 -1.36 1.05 33.85
CA ASP B 258 -2.02 1.14 35.15
C ASP B 258 -3.50 1.42 34.94
N GLY B 259 -4.28 1.13 35.96
CA GLY B 259 -5.72 1.34 35.93
C GLY B 259 -6.47 0.04 36.13
N ARG B 260 -7.76 0.17 36.42
CA ARG B 260 -8.63 -0.96 36.66
C ARG B 260 -9.39 -1.26 35.40
N PHE B 261 -9.00 -2.33 34.70
CA PHE B 261 -9.71 -2.66 33.46
C PHE B 261 -11.16 -3.06 33.78
N PRO B 262 -12.16 -2.76 32.92
CA PRO B 262 -13.54 -3.25 33.22
C PRO B 262 -13.69 -4.77 33.21
N ASP B 263 -14.75 -5.24 33.84
CA ASP B 263 -15.04 -6.67 33.97
C ASP B 263 -16.02 -7.06 32.86
N TYR B 264 -15.54 -7.84 31.87
CA TYR B 264 -16.38 -8.29 30.75
C TYR B 264 -17.62 -9.07 31.25
N ARG B 265 -17.50 -9.82 32.37
CA ARG B 265 -18.59 -10.64 32.92
C ARG B 265 -19.82 -9.77 33.24
N ARG B 266 -19.59 -8.49 33.59
CA ARG B 266 -20.67 -7.55 33.91
C ARG B 266 -21.12 -6.75 32.68
N VAL B 267 -20.36 -6.82 31.60
CA VAL B 267 -20.68 -6.13 30.32
C VAL B 267 -21.54 -7.02 29.40
N LEU B 268 -21.41 -8.35 29.50
CA LEU B 268 -22.22 -9.25 28.66
C LEU B 268 -23.70 -9.06 28.93
N PRO B 269 -24.55 -8.94 27.89
CA PRO B 269 -26.01 -8.75 28.13
C PRO B 269 -26.61 -9.87 28.94
N LYS B 270 -27.39 -9.49 29.94
CA LYS B 270 -28.05 -10.45 30.82
C LYS B 270 -29.33 -10.93 30.14
N ASN B 271 -29.49 -12.24 29.99
CA ASN B 271 -30.66 -12.92 29.44
C ASN B 271 -31.22 -12.34 28.13
N PRO B 272 -30.37 -12.26 27.08
CA PRO B 272 -30.91 -11.81 25.77
C PRO B 272 -32.06 -12.73 25.35
N ASP B 273 -33.26 -12.19 25.15
CA ASP B 273 -34.44 -12.99 24.83
C ASP B 273 -34.71 -13.15 23.31
N LYS B 274 -33.84 -12.59 22.45
CA LYS B 274 -34.08 -12.64 21.00
C LYS B 274 -32.82 -13.10 20.29
N HIS B 275 -32.85 -14.30 19.69
CA HIS B 275 -31.70 -14.93 19.04
C HIS B 275 -31.88 -15.00 17.56
N LEU B 276 -30.96 -14.42 16.84
CA LEU B 276 -31.01 -14.41 15.38
C LEU B 276 -29.79 -15.17 14.90
N GLU B 277 -29.95 -16.06 13.90
N GLU B 277 -29.95 -16.01 13.87
CA GLU B 277 -28.81 -16.76 13.29
CA GLU B 277 -28.82 -16.71 13.29
C GLU B 277 -28.85 -16.52 11.79
C GLU B 277 -28.85 -16.52 11.79
N ALA B 278 -27.68 -16.31 11.19
CA ALA B 278 -27.56 -16.10 9.75
C ALA B 278 -26.14 -16.41 9.30
N GLY B 279 -25.97 -16.56 7.99
CA GLY B 279 -24.65 -16.77 7.40
C GLY B 279 -23.79 -15.55 7.65
N CYS B 280 -22.55 -15.78 8.10
CA CYS B 280 -21.61 -14.69 8.41
C CYS B 280 -21.32 -13.82 7.19
N ASP B 281 -20.99 -14.47 6.04
CA ASP B 281 -20.68 -13.72 4.81
C ASP B 281 -21.86 -12.92 4.29
N LEU B 282 -23.05 -13.53 4.27
CA LEU B 282 -24.25 -12.82 3.79
C LEU B 282 -24.56 -11.61 4.70
N LEU B 283 -24.46 -11.79 6.02
CA LEU B 283 -24.70 -10.67 6.93
C LEU B 283 -23.64 -9.57 6.69
N LYS B 284 -22.36 -9.97 6.58
CA LYS B 284 -21.25 -9.01 6.38
C LYS B 284 -21.43 -8.22 5.08
N GLN B 285 -21.77 -8.91 4.00
CA GLN B 285 -21.93 -8.23 2.71
C GLN B 285 -23.11 -7.28 2.73
N ALA B 286 -24.20 -7.63 3.44
CA ALA B 286 -25.37 -6.76 3.50
C ALA B 286 -25.03 -5.51 4.29
N PHE B 287 -24.33 -5.67 5.43
CA PHE B 287 -23.89 -4.48 6.19
C PHE B 287 -22.90 -3.64 5.41
N ALA B 288 -21.99 -4.29 4.66
CA ALA B 288 -20.96 -3.57 3.90
C ALA B 288 -21.59 -2.71 2.80
N ARG B 289 -22.62 -3.23 2.11
CA ARG B 289 -23.29 -2.44 1.06
C ARG B 289 -24.12 -1.31 1.70
N ALA B 290 -24.85 -1.60 2.80
CA ALA B 290 -25.68 -0.55 3.47
C ALA B 290 -24.78 0.62 3.95
N ALA B 291 -23.57 0.28 4.44
CA ALA B 291 -22.59 1.25 4.96
C ALA B 291 -22.25 2.33 3.93
N ILE B 292 -22.26 1.99 2.64
CA ILE B 292 -21.93 2.95 1.56
C ILE B 292 -22.78 4.24 1.65
N LEU B 293 -24.06 4.08 2.01
CA LEU B 293 -24.99 5.19 2.08
C LEU B 293 -25.29 5.62 3.52
N SER B 294 -24.42 5.25 4.47
CA SER B 294 -24.55 5.71 5.85
C SER B 294 -23.88 7.08 6.01
N ASN B 295 -24.27 7.81 7.04
CA ASN B 295 -23.64 9.12 7.37
C ASN B 295 -22.12 8.88 7.59
N GLU B 296 -21.28 9.66 6.92
CA GLU B 296 -19.81 9.48 7.00
C GLU B 296 -19.23 9.69 8.39
N LYS B 297 -19.88 10.51 9.20
CA LYS B 297 -19.44 10.79 10.55
C LYS B 297 -20.08 9.80 11.55
N PHE B 298 -21.42 9.72 11.59
CA PHE B 298 -22.16 8.92 12.56
C PHE B 298 -22.23 7.42 12.24
N ARG B 299 -22.18 7.07 10.94
CA ARG B 299 -22.17 5.67 10.44
C ARG B 299 -23.35 4.82 10.90
N GLY B 300 -24.47 5.45 11.18
CA GLY B 300 -25.62 4.72 11.72
C GLY B 300 -26.38 3.91 10.69
N VAL B 301 -26.76 2.71 11.10
CA VAL B 301 -27.64 1.80 10.35
C VAL B 301 -28.77 1.37 11.27
N ARG B 302 -29.95 1.15 10.70
CA ARG B 302 -31.09 0.68 11.48
C ARG B 302 -31.36 -0.76 11.12
N LEU B 303 -31.55 -1.63 12.14
CA LEU B 303 -31.86 -3.04 11.95
C LEU B 303 -33.31 -3.26 12.38
N TYR B 304 -34.10 -3.94 11.55
CA TYR B 304 -35.47 -4.29 11.93
C TYR B 304 -35.55 -5.81 11.84
N VAL B 305 -35.77 -6.45 13.01
CA VAL B 305 -35.88 -7.90 13.07
C VAL B 305 -37.34 -8.32 13.16
N SER B 306 -37.72 -9.30 12.36
CA SER B 306 -39.08 -9.84 12.31
C SER B 306 -38.96 -11.32 11.97
N GLU B 307 -40.08 -12.07 11.99
CA GLU B 307 -40.03 -13.51 11.73
C GLU B 307 -39.16 -13.88 10.53
N ASN B 308 -38.06 -14.60 10.80
CA ASN B 308 -37.08 -15.09 9.83
C ASN B 308 -36.60 -13.99 8.84
N GLN B 309 -36.50 -12.76 9.32
CA GLN B 309 -36.05 -11.68 8.43
C GLN B 309 -35.29 -10.60 9.16
N LEU B 310 -34.27 -10.06 8.49
CA LEU B 310 -33.54 -8.89 8.97
C LEU B 310 -33.57 -7.83 7.83
N LYS B 311 -33.95 -6.61 8.18
CA LYS B 311 -33.93 -5.49 7.25
C LYS B 311 -32.89 -4.50 7.79
N ILE B 312 -31.97 -4.07 6.93
CA ILE B 312 -30.93 -3.11 7.32
C ILE B 312 -31.17 -1.88 6.47
N THR B 313 -31.25 -0.70 7.11
CA THR B 313 -31.41 0.54 6.32
C THR B 313 -30.36 1.58 6.73
N ALA B 314 -29.90 2.36 5.77
CA ALA B 314 -28.93 3.43 6.00
C ALA B 314 -29.30 4.63 5.17
N ASN B 315 -29.17 5.82 5.74
CA ASN B 315 -29.34 7.05 4.98
C ASN B 315 -28.31 8.08 5.39
N ASN B 316 -28.02 9.01 4.50
CA ASN B 316 -27.01 10.01 4.75
C ASN B 316 -27.64 11.43 4.63
N PRO B 317 -26.89 12.51 4.91
CA PRO B 317 -27.48 13.86 4.84
C PRO B 317 -28.01 14.27 3.44
N GLU B 318 -27.48 13.66 2.35
CA GLU B 318 -27.96 13.91 0.96
C GLU B 318 -29.28 13.17 0.70
N GLN B 319 -29.78 12.45 1.70
CA GLN B 319 -31.03 11.69 1.67
C GLN B 319 -30.92 10.50 0.69
N GLU B 320 -29.67 10.03 0.45
CA GLU B 320 -29.47 8.78 -0.28
C GLU B 320 -29.85 7.65 0.67
N GLU B 321 -30.31 6.50 0.16
CA GLU B 321 -30.76 5.44 1.07
C GLU B 321 -30.38 4.08 0.57
N ALA B 322 -29.93 3.21 1.48
CA ALA B 322 -29.63 1.81 1.16
C ALA B 322 -30.60 0.95 2.00
N GLU B 323 -31.13 -0.13 1.41
CA GLU B 323 -31.98 -1.06 2.13
C GLU B 323 -31.61 -2.48 1.74
N GLU B 324 -31.38 -3.33 2.74
CA GLU B 324 -31.04 -4.73 2.52
C GLU B 324 -32.05 -5.55 3.27
N ILE B 325 -32.61 -6.56 2.63
CA ILE B 325 -33.51 -7.52 3.29
C ILE B 325 -32.84 -8.89 3.16
N LEU B 326 -32.67 -9.61 4.29
CA LEU B 326 -32.04 -10.92 4.35
C LEU B 326 -32.94 -11.92 5.02
N ASP B 327 -32.92 -13.18 4.52
CA ASP B 327 -33.61 -14.27 5.20
C ASP B 327 -32.64 -14.68 6.29
N VAL B 328 -33.16 -14.85 7.51
CA VAL B 328 -32.36 -15.25 8.67
C VAL B 328 -33.21 -16.22 9.47
N THR B 329 -32.66 -16.80 10.53
CA THR B 329 -33.45 -17.63 11.44
C THR B 329 -33.72 -16.76 12.68
N TYR B 330 -35.00 -16.42 12.90
CA TYR B 330 -35.43 -15.57 14.00
C TYR B 330 -36.92 -15.78 14.29
N SER B 331 -37.31 -16.00 15.55
CA SER B 331 -38.72 -16.15 15.90
C SER B 331 -39.15 -15.37 17.17
N GLY B 332 -38.32 -14.42 17.61
CA GLY B 332 -38.65 -13.54 18.74
C GLY B 332 -39.59 -12.40 18.38
N ALA B 333 -39.81 -11.44 19.32
CA ALA B 333 -40.68 -10.28 19.09
C ALA B 333 -40.02 -9.31 18.08
N GLU B 334 -40.83 -8.56 17.31
CA GLU B 334 -40.26 -7.60 16.37
C GLU B 334 -39.58 -6.46 17.12
N MET B 335 -38.46 -5.96 16.60
CA MET B 335 -37.80 -4.82 17.23
C MET B 335 -36.95 -4.09 16.23
N GLU B 336 -36.66 -2.83 16.51
CA GLU B 336 -35.80 -2.00 15.68
C GLU B 336 -34.65 -1.53 16.60
N ILE B 337 -33.42 -1.52 16.08
CA ILE B 337 -32.25 -1.13 16.88
C ILE B 337 -31.22 -0.50 15.92
N GLY B 338 -30.55 0.53 16.40
CA GLY B 338 -29.55 1.24 15.59
C GLY B 338 -28.15 0.89 16.01
N PHE B 339 -27.21 0.88 15.05
CA PHE B 339 -25.81 0.62 15.35
C PHE B 339 -24.90 1.40 14.46
N ASN B 340 -23.67 1.60 14.95
CA ASN B 340 -22.58 2.11 14.13
C ASN B 340 -22.18 0.91 13.28
N VAL B 341 -22.37 1.02 11.93
CA VAL B 341 -22.11 -0.10 11.03
C VAL B 341 -20.61 -0.56 11.03
N SER B 342 -19.64 0.36 11.30
CA SER B 342 -18.22 -0.01 11.32
C SER B 342 -17.99 -0.96 12.48
N TYR B 343 -18.68 -0.77 13.61
CA TYR B 343 -18.51 -1.67 14.78
C TYR B 343 -19.06 -3.05 14.45
N VAL B 344 -20.22 -3.11 13.76
CA VAL B 344 -20.80 -4.40 13.37
C VAL B 344 -19.88 -5.12 12.37
N LEU B 345 -19.43 -4.39 11.33
CA LEU B 345 -18.54 -4.95 10.31
C LEU B 345 -17.23 -5.42 10.92
N ASP B 346 -16.68 -4.68 11.90
CA ASP B 346 -15.44 -5.12 12.58
C ASP B 346 -15.63 -6.52 13.22
N VAL B 347 -16.79 -6.74 13.87
CA VAL B 347 -17.10 -8.02 14.51
C VAL B 347 -17.19 -9.14 13.46
N LEU B 348 -17.99 -8.91 12.41
CA LEU B 348 -18.20 -9.91 11.35
C LEU B 348 -16.91 -10.26 10.64
N ASN B 349 -16.04 -9.24 10.43
CA ASN B 349 -14.72 -9.48 9.84
C ASN B 349 -13.84 -10.29 10.78
N ALA B 350 -13.95 -10.11 12.09
CA ALA B 350 -13.17 -10.87 13.07
C ALA B 350 -13.66 -12.31 13.24
N LEU B 351 -14.94 -12.57 12.98
CA LEU B 351 -15.49 -13.90 13.20
C LEU B 351 -15.00 -14.92 12.15
N LYS B 352 -14.95 -14.61 10.84
CA LYS B 352 -14.37 -15.53 9.83
C LYS B 352 -14.89 -16.98 9.99
N CYS B 353 -16.22 -17.11 10.13
CA CYS B 353 -16.83 -18.40 10.38
C CYS B 353 -18.03 -18.59 9.47
N GLU B 354 -18.71 -19.73 9.55
CA GLU B 354 -19.82 -20.01 8.67
C GLU B 354 -21.07 -19.26 9.04
N ASN B 355 -21.48 -19.38 10.31
CA ASN B 355 -22.71 -18.81 10.83
C ASN B 355 -22.46 -17.99 12.07
N VAL B 356 -23.29 -16.95 12.24
N VAL B 356 -23.27 -16.94 12.23
CA VAL B 356 -23.22 -16.07 13.39
CA VAL B 356 -23.23 -16.01 13.35
C VAL B 356 -24.54 -16.01 14.13
C VAL B 356 -24.54 -15.98 14.11
N ARG B 357 -24.47 -15.81 15.44
CA ARG B 357 -25.62 -15.69 16.31
C ARG B 357 -25.59 -14.26 16.89
N MET B 358 -26.72 -13.55 16.81
CA MET B 358 -26.88 -12.21 17.41
C MET B 358 -27.91 -12.38 18.50
N MET B 359 -27.57 -11.94 19.71
CA MET B 359 -28.44 -12.08 20.87
C MET B 359 -28.84 -10.69 21.35
N LEU B 360 -30.13 -10.36 21.19
CA LEU B 360 -30.70 -9.05 21.46
C LEU B 360 -31.64 -9.05 22.65
N THR B 361 -31.88 -7.86 23.20
CA THR B 361 -32.78 -7.62 24.32
C THR B 361 -33.82 -6.58 23.90
N ASP B 362 -33.40 -5.31 23.74
CA ASP B 362 -34.25 -4.21 23.34
C ASP B 362 -33.44 -3.14 22.61
N SER B 363 -34.10 -2.06 22.18
CA SER B 363 -33.49 -1.02 21.35
C SER B 363 -32.42 -0.20 22.03
N VAL B 364 -32.36 -0.24 23.37
CA VAL B 364 -31.43 0.59 24.13
C VAL B 364 -30.34 -0.23 24.84
N SER B 365 -30.32 -1.55 24.61
CA SER B 365 -29.37 -2.43 25.26
C SER B 365 -28.36 -3.01 24.28
N SER B 366 -27.18 -3.38 24.80
CA SER B 366 -26.15 -3.97 23.94
C SER B 366 -26.61 -5.27 23.28
N VAL B 367 -25.92 -5.65 22.21
CA VAL B 367 -26.13 -6.91 21.45
CA VAL B 367 -26.16 -6.91 21.50
C VAL B 367 -24.91 -7.76 21.66
N GLN B 368 -25.06 -9.06 21.79
CA GLN B 368 -23.91 -9.96 21.89
C GLN B 368 -23.89 -10.72 20.57
N ILE B 369 -22.72 -10.81 19.94
CA ILE B 369 -22.53 -11.47 18.67
C ILE B 369 -21.44 -12.53 18.83
N GLU B 370 -21.67 -13.71 18.25
CA GLU B 370 -20.68 -14.77 18.34
C GLU B 370 -20.82 -15.71 17.16
N ASP B 371 -19.82 -16.53 16.99
CA ASP B 371 -19.83 -17.62 16.00
C ASP B 371 -20.92 -18.56 16.51
N ALA B 372 -21.86 -18.98 15.65
CA ALA B 372 -22.94 -19.88 16.12
C ALA B 372 -22.41 -21.24 16.61
N ALA B 373 -21.22 -21.63 16.14
CA ALA B 373 -20.58 -22.92 16.44
C ALA B 373 -19.54 -22.87 17.54
N SER B 374 -19.18 -21.68 18.03
CA SER B 374 -18.13 -21.57 19.05
C SER B 374 -18.38 -20.46 20.04
N GLN B 375 -18.16 -20.75 21.34
CA GLN B 375 -18.31 -19.79 22.43
C GLN B 375 -16.94 -19.28 22.92
N SER B 376 -15.85 -19.57 22.17
CA SER B 376 -14.51 -19.12 22.57
C SER B 376 -14.38 -17.60 22.59
N ALA B 377 -15.08 -16.93 21.68
CA ALA B 377 -15.06 -15.45 21.59
C ALA B 377 -16.48 -14.90 21.67
N ALA B 378 -16.62 -13.69 22.21
CA ALA B 378 -17.92 -13.04 22.27
C ALA B 378 -17.70 -11.57 22.07
N TYR B 379 -18.65 -10.94 21.37
CA TYR B 379 -18.53 -9.53 21.04
C TYR B 379 -19.75 -8.83 21.54
N VAL B 380 -19.57 -7.62 22.10
CA VAL B 380 -20.68 -6.86 22.66
C VAL B 380 -20.63 -5.48 22.03
N VAL B 381 -21.74 -5.05 21.39
CA VAL B 381 -21.79 -3.73 20.75
C VAL B 381 -22.96 -2.95 21.33
N MET B 382 -22.69 -1.71 21.78
CA MET B 382 -23.75 -0.87 22.32
C MET B 382 -24.47 -0.16 21.15
N PRO B 383 -25.81 -0.07 21.18
CA PRO B 383 -26.50 0.59 20.06
C PRO B 383 -26.36 2.10 20.02
N MET B 384 -26.90 2.69 18.95
CA MET B 384 -26.99 4.15 18.79
C MET B 384 -28.48 4.53 18.94
N ARG B 385 -28.76 5.82 19.34
CA ARG B 385 -30.13 6.35 19.41
C ARG B 385 -30.29 7.10 18.05
N LEU B 386 -30.94 6.48 17.10
CA LEU B 386 -31.05 7.11 15.77
C LEU B 386 -32.41 7.80 15.52
N GLN C 2 22.78 19.88 -8.65
CA GLN C 2 22.30 19.33 -9.92
C GLN C 2 22.47 20.34 -11.08
N ASP C 4 21.65 21.51 -15.14
CA ASP C 4 20.49 21.36 -16.03
C ASP C 4 20.85 20.78 -17.38
N LEU C 5 19.97 19.92 -17.96
CA LEU C 5 20.18 19.42 -19.33
C LEU C 5 20.01 20.62 -20.26
N PRO C 6 20.79 20.71 -21.35
CA PRO C 6 20.62 21.83 -22.29
C PRO C 6 19.40 21.63 -23.22
N LEU C 7 18.18 21.76 -22.68
CA LEU C 7 16.95 21.60 -23.48
C LEU C 7 16.68 22.74 -24.48
N GLN D 2 -24.23 7.69 19.89
CA GLN D 2 -23.67 6.41 20.35
C GLN D 2 -23.85 6.28 21.88
N ASP D 4 -23.09 4.44 25.63
CA ASP D 4 -21.92 3.83 26.27
C ASP D 4 -22.21 2.47 26.87
N LEU D 5 -21.23 1.53 26.74
CA LEU D 5 -21.32 0.25 27.42
C LEU D 5 -21.27 0.51 28.94
N PRO D 6 -21.96 -0.29 29.76
CA PRO D 6 -21.87 -0.07 31.21
C PRO D 6 -20.56 -0.61 31.83
N LEU D 7 -19.41 0.02 31.53
CA LEU D 7 -18.08 -0.40 32.05
C LEU D 7 -17.92 -0.13 33.56
#